data_1Q01
#
_entry.id   1Q01
#
_entity_poly.entity_id   1
_entity_poly.type   'polypeptide(L)'
_entity_poly.pdbx_seq_one_letter_code
;GDNKPPKKGPPNGCFGHKIDRIGSHSGLGCNKVDDNKG
;
_entity_poly.pdbx_strand_id   A
#
# COMPACT_ATOMS: atom_id res chain seq x y z
N GLY A 1 1.53 13.67 -0.81
CA GLY A 1 0.60 13.74 0.33
C GLY A 1 -0.05 15.11 0.49
N ASP A 2 -0.16 15.57 1.73
CA ASP A 2 -0.75 16.88 2.02
C ASP A 2 -2.24 16.87 1.71
N ASN A 3 -2.58 16.76 0.43
CA ASN A 3 -3.99 16.74 0.02
C ASN A 3 -4.64 15.39 0.33
N LYS A 4 -3.83 14.33 0.24
CA LYS A 4 -4.33 12.98 0.51
C LYS A 4 -3.81 12.48 1.85
N PRO A 5 -4.53 12.78 2.95
CA PRO A 5 -4.14 12.36 4.29
C PRO A 5 -4.30 10.85 4.50
N PRO A 6 -3.19 10.11 4.60
CA PRO A 6 -3.23 8.65 4.81
C PRO A 6 -3.75 8.27 6.19
N LYS A 7 -4.05 6.99 6.36
CA LYS A 7 -4.56 6.49 7.64
C LYS A 7 -3.55 6.74 8.75
N LYS A 8 -4.01 6.64 10.00
CA LYS A 8 -3.16 6.86 11.16
C LYS A 8 -1.89 6.02 11.08
N GLY A 9 -1.04 6.17 12.08
CA GLY A 9 0.21 5.43 12.13
C GLY A 9 -0.02 3.92 12.10
N PRO A 10 0.32 3.25 10.99
CA PRO A 10 0.14 1.79 10.87
C PRO A 10 1.11 1.02 11.76
N PRO A 11 0.91 -0.30 11.88
CA PRO A 11 1.77 -1.17 12.71
C PRO A 11 3.17 -1.31 12.13
N ASN A 12 3.89 -0.21 12.04
CA ASN A 12 5.25 -0.22 11.50
C ASN A 12 5.26 -0.69 10.05
N GLY A 13 5.60 0.21 9.13
CA GLY A 13 5.63 -0.14 7.73
C GLY A 13 5.35 1.06 6.83
N CYS A 14 5.48 0.86 5.53
CA CYS A 14 5.24 1.92 4.56
C CYS A 14 3.83 2.47 4.69
N PHE A 15 3.38 3.22 3.68
CA PHE A 15 2.05 3.80 3.68
C PHE A 15 0.98 2.75 3.99
N GLY A 16 -0.21 3.21 4.33
CA GLY A 16 -1.30 2.30 4.66
C GLY A 16 -1.57 1.30 3.55
N HIS A 17 -2.58 0.46 3.74
CA HIS A 17 -2.95 -0.55 2.76
C HIS A 17 -3.46 0.09 1.48
N LYS A 18 -3.73 -0.73 0.48
CA LYS A 18 -4.23 -0.24 -0.80
C LYS A 18 -5.76 -0.20 -0.82
N ILE A 19 -6.34 0.40 0.23
CA ILE A 19 -7.79 0.50 0.33
C ILE A 19 -8.32 1.65 -0.53
N ASP A 20 -7.52 2.71 -0.64
CA ASP A 20 -7.91 3.87 -1.43
C ASP A 20 -7.65 3.63 -2.92
N ARG A 21 -8.60 4.07 -3.75
CA ARG A 21 -8.47 3.90 -5.19
C ARG A 21 -7.72 5.07 -5.81
N ILE A 22 -6.91 4.79 -6.83
CA ILE A 22 -6.14 5.82 -7.52
C ILE A 22 -5.30 6.61 -6.52
N GLY A 23 -4.46 7.50 -7.04
CA GLY A 23 -3.60 8.31 -6.19
C GLY A 23 -2.32 8.73 -6.87
N SER A 24 -2.35 9.89 -7.52
CA SER A 24 -1.18 10.41 -8.22
C SER A 24 -0.02 10.61 -7.26
N HIS A 25 -0.17 11.57 -6.35
CA HIS A 25 0.87 11.87 -5.37
C HIS A 25 1.10 10.68 -4.43
N SER A 26 0.10 10.40 -3.61
CA SER A 26 0.18 9.29 -2.66
C SER A 26 0.04 7.95 -3.37
N GLY A 27 0.26 6.87 -2.64
CA GLY A 27 0.16 5.55 -3.22
C GLY A 27 0.21 4.44 -2.18
N LEU A 28 -0.85 4.34 -1.37
CA LEU A 28 -0.93 3.33 -0.34
C LEU A 28 -0.86 1.93 -0.93
N GLY A 29 -0.69 0.93 -0.07
CA GLY A 29 -0.62 -0.44 -0.52
C GLY A 29 0.61 -1.16 0.00
N CYS A 30 0.71 -1.25 1.32
CA CYS A 30 1.85 -1.92 1.96
C CYS A 30 1.69 -3.43 1.88
N ASN A 31 0.45 -3.91 1.90
CA ASN A 31 0.17 -5.33 1.83
C ASN A 31 -0.16 -5.76 0.41
N LYS A 32 0.15 -7.01 0.09
CA LYS A 32 -0.12 -7.54 -1.25
C LYS A 32 -1.48 -8.23 -1.30
N VAL A 33 -1.99 -8.42 -2.51
CA VAL A 33 -3.27 -9.06 -2.71
C VAL A 33 -3.11 -10.46 -3.30
N ASP A 34 -4.23 -11.12 -3.56
CA ASP A 34 -4.21 -12.46 -4.14
C ASP A 34 -4.13 -12.41 -5.65
N ASP A 35 -3.15 -11.69 -6.16
CA ASP A 35 -2.96 -11.55 -7.60
C ASP A 35 -1.50 -11.31 -7.95
N ASN A 36 -1.22 -11.08 -9.23
CA ASN A 36 0.13 -10.84 -9.70
C ASN A 36 0.82 -9.76 -8.87
N LYS A 37 2.13 -9.89 -8.70
CA LYS A 37 2.90 -8.92 -7.93
C LYS A 37 4.38 -8.98 -8.31
N GLY A 38 5.19 -8.19 -7.62
CA GLY A 38 6.62 -8.17 -7.90
C GLY A 38 7.45 -8.17 -6.64
N GLY A 1 -4.20 -2.62 -7.94
CA GLY A 1 -3.20 -3.71 -7.92
C GLY A 1 -3.35 -4.62 -6.72
N ASP A 2 -4.58 -4.85 -6.30
CA ASP A 2 -4.86 -5.69 -5.15
C ASP A 2 -4.35 -7.11 -5.38
N ASN A 3 -4.36 -7.54 -6.64
CA ASN A 3 -3.88 -8.87 -7.00
C ASN A 3 -2.38 -8.86 -7.29
N LYS A 4 -1.90 -7.74 -7.80
CA LYS A 4 -0.48 -7.60 -8.12
C LYS A 4 0.20 -6.67 -7.13
N PRO A 5 0.49 -7.18 -5.93
CA PRO A 5 1.16 -6.41 -4.87
C PRO A 5 2.63 -6.15 -5.20
N PRO A 6 2.99 -4.89 -5.51
CA PRO A 6 4.36 -4.53 -5.83
C PRO A 6 5.29 -4.66 -4.62
N LYS A 7 6.54 -4.98 -4.88
CA LYS A 7 7.54 -5.12 -3.83
C LYS A 7 7.13 -6.19 -2.83
N LYS A 8 8.09 -6.66 -2.05
CA LYS A 8 7.83 -7.69 -1.06
C LYS A 8 7.37 -7.08 0.25
N GLY A 9 6.95 -7.93 1.19
CA GLY A 9 6.49 -7.45 2.47
C GLY A 9 7.50 -6.55 3.16
N PRO A 10 7.21 -5.24 3.24
CA PRO A 10 8.11 -4.29 3.88
C PRO A 10 8.06 -4.36 5.41
N PRO A 11 9.13 -4.85 6.05
CA PRO A 11 9.19 -4.97 7.51
C PRO A 11 9.34 -3.61 8.19
N ASN A 12 8.35 -2.75 8.01
CA ASN A 12 8.36 -1.42 8.61
C ASN A 12 6.99 -0.80 8.54
N GLY A 13 6.93 0.49 8.83
CA GLY A 13 5.66 1.20 8.82
C GLY A 13 4.97 1.12 7.48
N CYS A 14 5.60 1.69 6.44
CA CYS A 14 5.01 1.68 5.12
C CYS A 14 3.69 2.39 5.07
N PHE A 15 3.31 2.87 3.89
CA PHE A 15 2.04 3.57 3.71
C PHE A 15 0.87 2.74 4.22
N GLY A 16 -0.23 3.41 4.56
CA GLY A 16 -1.41 2.71 5.06
C GLY A 16 -1.91 1.69 4.09
N HIS A 17 -2.65 0.72 4.61
CA HIS A 17 -3.21 -0.33 3.79
C HIS A 17 -4.25 0.22 2.82
N LYS A 18 -4.79 -0.66 1.98
CA LYS A 18 -5.77 -0.29 1.03
C LYS A 18 -5.15 0.47 -0.13
N ILE A 19 -4.86 -0.27 -1.19
CA ILE A 19 -4.24 0.32 -2.37
C ILE A 19 -5.00 1.56 -2.83
N ASP A 20 -6.33 1.52 -2.68
CA ASP A 20 -7.16 2.64 -3.09
C ASP A 20 -7.00 2.95 -4.58
N ARG A 21 -7.96 3.66 -5.14
CA ARG A 21 -7.92 4.02 -6.55
C ARG A 21 -7.05 5.26 -6.77
N ILE A 22 -6.68 5.46 -8.01
CA ILE A 22 -5.85 6.60 -8.36
C ILE A 22 -4.58 6.63 -7.52
N GLY A 23 -3.67 7.56 -7.84
CA GLY A 23 -2.43 7.67 -7.09
C GLY A 23 -1.69 8.95 -7.39
N SER A 24 -2.41 10.06 -7.39
CA SER A 24 -1.82 11.36 -7.67
C SER A 24 -0.73 11.69 -6.65
N HIS A 25 -1.15 11.88 -5.41
CA HIS A 25 -0.20 12.19 -4.35
C HIS A 25 -0.05 11.02 -3.40
N SER A 26 -1.17 10.51 -2.90
CA SER A 26 -1.16 9.38 -1.98
C SER A 26 -0.50 8.18 -2.59
N GLY A 27 -0.20 7.18 -1.76
CA GLY A 27 0.43 5.98 -2.24
C GLY A 27 0.22 4.80 -1.31
N LEU A 28 -1.04 4.39 -1.18
CA LEU A 28 -1.39 3.27 -0.31
C LEU A 28 -1.18 1.94 -1.03
N GLY A 29 -1.49 0.89 -0.37
CA GLY A 29 -1.33 -0.43 -0.97
C GLY A 29 -0.07 -1.13 -0.49
N CYS A 30 -0.07 -1.55 0.77
CA CYS A 30 1.08 -2.23 1.35
C CYS A 30 0.76 -3.69 1.65
N ASN A 31 -0.19 -3.91 2.55
CA ASN A 31 -0.60 -5.25 2.93
C ASN A 31 -1.05 -6.05 1.72
N LYS A 32 -1.47 -7.29 1.96
CA LYS A 32 -1.93 -8.16 0.87
C LYS A 32 -0.83 -8.38 -0.16
N VAL A 33 0.16 -9.20 0.22
CA VAL A 33 1.27 -9.50 -0.66
C VAL A 33 1.38 -11.00 -0.93
N ASP A 34 1.60 -11.36 -2.18
CA ASP A 34 1.72 -12.77 -2.56
C ASP A 34 3.18 -13.12 -2.84
N ASP A 35 4.03 -12.89 -1.85
CA ASP A 35 5.46 -13.19 -1.99
C ASP A 35 5.69 -14.69 -2.14
N ASN A 36 6.07 -15.11 -3.35
CA ASN A 36 6.32 -16.52 -3.63
C ASN A 36 5.04 -17.33 -3.54
N LYS A 37 4.57 -17.56 -2.31
CA LYS A 37 3.35 -18.32 -2.09
C LYS A 37 2.97 -18.33 -0.61
N GLY A 38 3.98 -18.50 0.25
CA GLY A 38 3.74 -18.52 1.68
C GLY A 38 3.90 -17.16 2.32
N GLY A 1 3.00 11.92 18.01
CA GLY A 1 1.70 11.20 18.05
C GLY A 1 1.37 10.51 16.73
N ASP A 2 0.34 9.68 16.75
CA ASP A 2 -0.08 8.96 15.55
C ASP A 2 -1.56 8.61 15.61
N ASN A 3 -2.42 9.58 15.30
CA ASN A 3 -3.86 9.37 15.32
C ASN A 3 -4.26 8.26 14.35
N LYS A 4 -3.51 8.14 13.26
CA LYS A 4 -3.79 7.12 12.25
C LYS A 4 -2.77 5.99 12.32
N PRO A 5 -3.02 4.98 13.18
CA PRO A 5 -2.13 3.84 13.34
C PRO A 5 -2.14 2.92 12.12
N PRO A 6 -1.04 2.89 11.35
CA PRO A 6 -0.93 2.04 10.15
C PRO A 6 -0.86 0.56 10.50
N LYS A 7 -1.08 -0.28 9.50
CA LYS A 7 -1.04 -1.72 9.70
C LYS A 7 0.34 -2.16 10.19
N LYS A 8 0.41 -3.37 10.73
CA LYS A 8 1.67 -3.92 11.22
C LYS A 8 2.32 -4.82 10.18
N GLY A 9 3.55 -5.20 10.45
CA GLY A 9 4.26 -6.05 9.53
C GLY A 9 5.66 -5.55 9.22
N PRO A 10 5.80 -4.70 8.19
CA PRO A 10 7.09 -4.14 7.81
C PRO A 10 7.61 -3.15 8.84
N PRO A 11 8.95 -3.01 8.95
CA PRO A 11 9.58 -2.09 9.89
C PRO A 11 9.45 -0.64 9.45
N ASN A 12 8.21 -0.17 9.33
CA ASN A 12 7.95 1.21 8.91
C ASN A 12 6.46 1.48 8.86
N GLY A 13 6.10 2.69 8.45
CA GLY A 13 4.71 3.07 8.39
C GLY A 13 4.19 3.12 6.96
N CYS A 14 3.95 1.94 6.38
CA CYS A 14 3.45 1.87 5.02
C CYS A 14 2.11 2.57 4.87
N PHE A 15 1.70 2.84 3.63
CA PHE A 15 0.44 3.51 3.36
C PHE A 15 -0.73 2.73 3.93
N GLY A 16 -1.94 3.24 3.70
CA GLY A 16 -3.12 2.58 4.20
C GLY A 16 -3.28 1.21 3.62
N HIS A 17 -4.44 0.60 3.89
CA HIS A 17 -4.73 -0.73 3.38
C HIS A 17 -4.60 -0.79 1.86
N LYS A 18 -4.89 -1.95 1.33
CA LYS A 18 -4.80 -2.17 -0.09
C LYS A 18 -6.10 -1.80 -0.78
N ILE A 19 -6.62 -0.64 -0.46
CA ILE A 19 -7.85 -0.17 -1.05
C ILE A 19 -7.58 0.61 -2.33
N ASP A 20 -6.45 1.27 -2.37
CA ASP A 20 -6.06 2.05 -3.52
C ASP A 20 -7.11 3.08 -3.90
N ARG A 21 -6.82 4.34 -3.59
CA ARG A 21 -7.74 5.44 -3.88
C ARG A 21 -7.02 6.56 -4.57
N ILE A 22 -7.78 7.48 -5.14
CA ILE A 22 -7.20 8.63 -5.83
C ILE A 22 -6.10 9.28 -4.99
N GLY A 23 -5.05 9.73 -5.67
CA GLY A 23 -3.94 10.36 -4.99
C GLY A 23 -2.60 9.98 -5.56
N SER A 24 -2.11 10.80 -6.47
CA SER A 24 -0.83 10.55 -7.11
C SER A 24 0.24 10.18 -6.09
N HIS A 25 0.45 11.07 -5.13
CA HIS A 25 1.44 10.87 -4.08
C HIS A 25 1.38 9.45 -3.51
N SER A 26 0.19 9.04 -3.13
CA SER A 26 -0.03 7.70 -2.56
C SER A 26 0.72 6.63 -3.36
N GLY A 27 1.20 5.61 -2.66
CA GLY A 27 1.93 4.54 -3.33
C GLY A 27 1.59 3.19 -2.75
N LEU A 28 0.30 2.85 -2.75
CA LEU A 28 -0.16 1.56 -2.21
C LEU A 28 0.68 0.41 -2.74
N GLY A 29 0.48 -0.75 -2.18
CA GLY A 29 1.26 -1.89 -2.61
C GLY A 29 1.85 -2.66 -1.43
N CYS A 30 2.19 -1.96 -0.38
CA CYS A 30 2.78 -2.56 0.81
C CYS A 30 1.84 -3.55 1.43
N ASN A 31 0.55 -3.23 1.40
CA ASN A 31 -0.47 -4.10 1.96
C ASN A 31 -0.45 -5.47 1.29
N LYS A 32 -0.81 -6.50 2.05
CA LYS A 32 -0.84 -7.86 1.53
C LYS A 32 -1.76 -7.98 0.33
N VAL A 33 -1.24 -8.52 -0.76
CA VAL A 33 -2.02 -8.69 -1.99
C VAL A 33 -2.38 -10.16 -2.20
N ASP A 34 -3.02 -10.44 -3.32
CA ASP A 34 -3.43 -11.80 -3.66
C ASP A 34 -2.23 -12.68 -3.99
N ASP A 35 -1.34 -12.84 -3.01
CA ASP A 35 -0.14 -13.65 -3.19
C ASP A 35 -0.50 -15.10 -3.47
N ASN A 36 -1.17 -15.74 -2.50
CA ASN A 36 -1.58 -17.14 -2.63
C ASN A 36 -2.31 -17.37 -3.95
N LYS A 37 -1.57 -17.85 -4.95
CA LYS A 37 -2.16 -18.13 -6.27
C LYS A 37 -2.76 -19.52 -6.31
N GLY A 38 -2.18 -20.45 -5.55
CA GLY A 38 -2.67 -21.81 -5.52
C GLY A 38 -2.66 -22.39 -4.12
N GLY A 1 -6.80 -12.28 17.46
CA GLY A 1 -6.96 -13.64 16.90
C GLY A 1 -6.05 -13.91 15.70
N ASP A 2 -6.10 -13.02 14.72
CA ASP A 2 -5.28 -13.14 13.53
C ASP A 2 -4.63 -11.82 13.15
N ASN A 3 -3.56 -11.88 12.38
CA ASN A 3 -2.85 -10.68 11.95
C ASN A 3 -1.95 -10.97 10.75
N LYS A 4 -2.48 -10.75 9.55
CA LYS A 4 -1.74 -10.99 8.33
C LYS A 4 -0.47 -10.15 8.29
N PRO A 5 0.70 -10.78 8.45
CA PRO A 5 1.99 -10.07 8.43
C PRO A 5 2.35 -9.57 7.04
N PRO A 6 2.32 -8.23 6.83
CA PRO A 6 2.66 -7.63 5.53
C PRO A 6 4.14 -7.75 5.21
N LYS A 7 4.46 -7.67 3.92
CA LYS A 7 5.85 -7.77 3.47
C LYS A 7 6.70 -6.66 4.08
N LYS A 8 8.00 -6.85 4.01
CA LYS A 8 8.92 -5.87 4.55
C LYS A 8 9.63 -5.11 3.44
N GLY A 9 10.41 -4.11 3.84
CA GLY A 9 11.13 -3.31 2.86
C GLY A 9 11.08 -1.83 3.18
N PRO A 10 9.88 -1.22 3.22
CA PRO A 10 9.71 0.20 3.51
C PRO A 10 10.06 0.54 4.96
N PRO A 11 10.35 1.81 5.25
CA PRO A 11 10.70 2.26 6.60
C PRO A 11 9.52 2.21 7.52
N ASN A 12 9.67 1.45 8.61
CA ASN A 12 8.61 1.32 9.61
C ASN A 12 7.24 1.13 8.96
N GLY A 13 6.86 -0.13 8.76
CA GLY A 13 5.58 -0.42 8.14
C GLY A 13 5.43 0.19 6.77
N CYS A 14 4.23 0.65 6.44
CA CYS A 14 3.97 1.26 5.15
C CYS A 14 2.62 1.98 5.14
N PHE A 15 2.32 2.63 4.03
CA PHE A 15 1.05 3.36 3.89
C PHE A 15 -0.14 2.42 4.06
N GLY A 16 -1.34 2.99 4.13
CA GLY A 16 -2.52 2.21 4.29
C GLY A 16 -2.68 1.19 3.18
N HIS A 17 -3.69 0.32 3.32
CA HIS A 17 -3.95 -0.71 2.34
C HIS A 17 -4.28 -0.09 0.98
N LYS A 18 -4.45 -0.94 0.02
CA LYS A 18 -4.75 -0.50 -1.32
C LYS A 18 -6.26 -0.41 -1.53
N ILE A 19 -6.93 0.22 -0.62
CA ILE A 19 -8.38 0.39 -0.71
C ILE A 19 -8.74 1.65 -1.48
N ASP A 20 -8.07 2.76 -1.16
CA ASP A 20 -8.33 4.02 -1.83
C ASP A 20 -7.83 3.99 -3.27
N ARG A 21 -8.55 4.66 -4.16
CA ARG A 21 -8.19 4.72 -5.55
C ARG A 21 -7.37 5.97 -5.85
N ILE A 22 -6.14 5.95 -5.40
CA ILE A 22 -5.25 7.08 -5.62
C ILE A 22 -3.91 6.61 -6.17
N GLY A 23 -3.06 7.57 -6.55
CA GLY A 23 -1.76 7.24 -7.08
C GLY A 23 -0.85 8.45 -7.18
N SER A 24 -1.42 9.57 -7.61
CA SER A 24 -0.65 10.80 -7.77
C SER A 24 -0.04 11.24 -6.43
N HIS A 25 -0.88 11.77 -5.55
CA HIS A 25 -0.42 12.20 -4.26
C HIS A 25 0.06 11.03 -3.40
N SER A 26 -0.88 10.17 -3.02
CA SER A 26 -0.55 9.00 -2.21
C SER A 26 -0.21 7.82 -3.06
N GLY A 27 0.26 6.75 -2.44
CA GLY A 27 0.62 5.55 -3.18
C GLY A 27 0.48 4.30 -2.35
N LEU A 28 -0.69 4.10 -1.76
CA LEU A 28 -0.96 2.93 -0.94
C LEU A 28 -0.62 1.64 -1.68
N GLY A 29 -0.84 0.54 -1.05
CA GLY A 29 -0.55 -0.73 -1.66
C GLY A 29 0.76 -1.32 -1.18
N CYS A 30 0.83 -1.68 0.10
CA CYS A 30 2.04 -2.26 0.67
C CYS A 30 1.74 -3.59 1.36
N ASN A 31 0.76 -3.58 2.26
CA ASN A 31 0.38 -4.78 2.98
C ASN A 31 -0.06 -5.88 2.02
N LYS A 32 0.52 -7.06 2.17
CA LYS A 32 0.20 -8.20 1.31
C LYS A 32 -1.28 -8.55 1.43
N VAL A 33 -2.10 -7.99 0.55
CA VAL A 33 -3.52 -8.25 0.55
C VAL A 33 -3.92 -9.17 -0.60
N ASP A 34 -5.22 -9.40 -0.75
CA ASP A 34 -5.73 -10.25 -1.81
C ASP A 34 -5.57 -9.58 -3.17
N ASP A 35 -4.33 -9.31 -3.56
CA ASP A 35 -4.04 -8.67 -4.83
C ASP A 35 -3.79 -9.72 -5.91
N ASN A 36 -4.60 -9.73 -6.93
CA ASN A 36 -4.47 -10.67 -8.03
C ASN A 36 -3.05 -10.69 -8.59
N LYS A 37 -2.48 -9.52 -8.79
CA LYS A 37 -1.12 -9.39 -9.31
C LYS A 37 -0.13 -10.04 -8.37
N GLY A 38 -0.45 -10.01 -7.07
CA GLY A 38 0.43 -10.62 -6.09
C GLY A 38 1.81 -9.99 -6.09
N GLY A 1 18.88 1.69 2.90
CA GLY A 1 18.19 1.56 4.22
C GLY A 1 16.83 2.22 4.24
N ASP A 2 16.72 3.34 4.95
CA ASP A 2 15.46 4.07 5.05
C ASP A 2 15.69 5.57 4.82
N ASN A 3 15.52 6.01 3.57
CA ASN A 3 15.70 7.41 3.23
C ASN A 3 14.39 8.18 3.38
N LYS A 4 13.28 7.53 3.06
CA LYS A 4 11.97 8.15 3.16
C LYS A 4 11.21 7.58 4.34
N PRO A 5 11.41 8.17 5.53
CA PRO A 5 10.73 7.72 6.75
C PRO A 5 9.24 8.08 6.74
N PRO A 6 8.37 7.06 6.63
CA PRO A 6 6.91 7.27 6.60
C PRO A 6 6.37 7.73 7.96
N LYS A 7 5.13 8.18 7.96
CA LYS A 7 4.49 8.64 9.19
C LYS A 7 4.43 7.53 10.23
N LYS A 8 4.19 7.90 11.48
CA LYS A 8 4.11 6.93 12.57
C LYS A 8 2.77 6.21 12.54
N GLY A 9 2.64 5.17 13.36
CA GLY A 9 1.41 4.41 13.42
C GLY A 9 1.65 2.91 13.44
N PRO A 10 1.68 2.26 12.26
CA PRO A 10 1.90 0.82 12.16
C PRO A 10 3.33 0.42 12.54
N PRO A 11 3.55 -0.84 12.93
CA PRO A 11 4.87 -1.34 13.31
C PRO A 11 5.81 -1.46 12.12
N ASN A 12 6.46 -0.35 11.79
CA ASN A 12 7.39 -0.32 10.67
C ASN A 12 6.68 -0.69 9.35
N GLY A 13 5.40 -0.35 9.26
CA GLY A 13 4.63 -0.65 8.08
C GLY A 13 4.68 0.48 7.05
N CYS A 14 4.32 0.17 5.81
CA CYS A 14 4.32 1.16 4.75
C CYS A 14 3.09 2.05 4.84
N PHE A 15 2.88 2.86 3.81
CA PHE A 15 1.72 3.76 3.76
C PHE A 15 0.43 3.00 4.01
N GLY A 16 -0.68 3.72 3.97
CA GLY A 16 -1.98 3.10 4.19
C GLY A 16 -2.19 1.90 3.34
N HIS A 17 -3.24 1.15 3.64
CA HIS A 17 -3.56 -0.07 2.89
C HIS A 17 -3.92 0.26 1.45
N LYS A 18 -4.16 -0.77 0.70
CA LYS A 18 -4.51 -0.60 -0.69
C LYS A 18 -6.03 -0.50 -0.86
N ILE A 19 -6.64 0.33 -0.08
CA ILE A 19 -8.09 0.52 -0.14
C ILE A 19 -8.45 1.66 -1.08
N ASP A 20 -7.61 2.69 -1.10
CA ASP A 20 -7.84 3.85 -1.96
C ASP A 20 -7.24 3.64 -3.32
N ARG A 21 -8.06 3.77 -4.35
CA ARG A 21 -7.60 3.59 -5.72
C ARG A 21 -7.36 4.94 -6.38
N ILE A 22 -6.30 5.57 -5.98
CA ILE A 22 -5.95 6.88 -6.54
C ILE A 22 -4.48 6.92 -6.94
N GLY A 23 -4.09 8.00 -7.60
CA GLY A 23 -2.70 8.15 -8.02
C GLY A 23 -2.27 9.60 -8.12
N SER A 24 -2.89 10.45 -7.32
CA SER A 24 -2.56 11.87 -7.31
C SER A 24 -1.18 12.11 -6.71
N HIS A 25 -1.06 11.89 -5.41
CA HIS A 25 0.21 12.08 -4.71
C HIS A 25 0.62 10.80 -3.98
N SER A 26 -0.19 10.37 -3.04
CA SER A 26 0.09 9.16 -2.27
C SER A 26 0.17 7.96 -3.15
N GLY A 27 0.58 6.83 -2.58
CA GLY A 27 0.69 5.61 -3.36
C GLY A 27 0.65 4.37 -2.49
N LEU A 28 -0.49 4.15 -1.84
CA LEU A 28 -0.66 2.99 -0.97
C LEU A 28 -0.37 1.69 -1.71
N GLY A 29 -0.31 0.60 -1.00
CA GLY A 29 -0.02 -0.66 -1.61
C GLY A 29 1.26 -1.29 -1.09
N CYS A 30 1.16 -1.99 0.03
CA CYS A 30 2.32 -2.65 0.63
C CYS A 30 1.90 -3.91 1.36
N ASN A 31 0.94 -3.78 2.28
CA ASN A 31 0.45 -4.90 3.06
C ASN A 31 -0.12 -5.99 2.15
N LYS A 32 0.30 -7.23 2.39
CA LYS A 32 -0.16 -8.35 1.59
C LYS A 32 -1.68 -8.51 1.69
N VAL A 33 -2.32 -8.67 0.54
CA VAL A 33 -3.77 -8.83 0.49
C VAL A 33 -4.15 -10.26 0.16
N ASP A 34 -5.45 -10.50 0.02
CA ASP A 34 -5.94 -11.84 -0.30
C ASP A 34 -5.62 -12.21 -1.74
N ASP A 35 -4.33 -12.26 -2.05
CA ASP A 35 -3.88 -12.60 -3.39
C ASP A 35 -3.59 -14.09 -3.50
N ASN A 36 -3.02 -14.50 -4.63
CA ASN A 36 -2.69 -15.90 -4.87
C ASN A 36 -3.95 -16.75 -4.95
N LYS A 37 -4.57 -17.00 -3.81
CA LYS A 37 -5.78 -17.80 -3.75
C LYS A 37 -7.01 -16.96 -4.12
N GLY A 38 -7.82 -17.47 -5.02
CA GLY A 38 -9.02 -16.76 -5.44
C GLY A 38 -8.82 -15.99 -6.73
N GLY A 1 13.95 1.03 -10.05
CA GLY A 1 14.86 1.66 -9.06
C GLY A 1 14.12 2.55 -8.07
N ASP A 2 14.69 2.71 -6.88
CA ASP A 2 14.08 3.52 -5.86
C ASP A 2 15.14 4.28 -5.06
N ASN A 3 14.77 5.45 -4.55
CA ASN A 3 15.69 6.28 -3.77
C ASN A 3 15.60 5.94 -2.28
N LYS A 4 14.40 5.55 -1.85
CA LYS A 4 14.17 5.20 -0.46
C LYS A 4 14.03 3.69 -0.28
N PRO A 5 15.15 2.98 -0.10
CA PRO A 5 15.16 1.53 0.07
C PRO A 5 14.57 1.10 1.42
N PRO A 6 13.37 0.48 1.42
CA PRO A 6 12.72 0.03 2.66
C PRO A 6 13.45 -1.14 3.30
N LYS A 7 13.16 -1.37 4.58
CA LYS A 7 13.79 -2.46 5.31
C LYS A 7 13.43 -3.81 4.69
N LYS A 8 14.20 -4.84 5.04
CA LYS A 8 13.96 -6.18 4.52
C LYS A 8 12.75 -6.82 5.20
N GLY A 9 12.34 -7.98 4.69
CA GLY A 9 11.22 -8.67 5.25
C GLY A 9 9.89 -8.15 4.70
N PRO A 10 8.81 -8.30 5.46
CA PRO A 10 7.48 -7.84 5.03
C PRO A 10 7.37 -6.32 5.02
N PRO A 11 6.26 -5.79 4.47
CA PRO A 11 6.03 -4.35 4.39
C PRO A 11 5.75 -3.76 5.77
N ASN A 12 6.81 -3.44 6.50
CA ASN A 12 6.68 -2.85 7.82
C ASN A 12 6.55 -1.33 7.73
N GLY A 13 5.58 -0.79 8.39
CA GLY A 13 5.37 0.64 8.38
C GLY A 13 4.80 1.13 7.06
N CYS A 14 5.43 2.15 6.48
CA CYS A 14 4.99 2.71 5.21
C CYS A 14 3.51 3.09 5.28
N PHE A 15 3.01 3.67 4.18
CA PHE A 15 1.61 4.07 4.09
C PHE A 15 0.69 2.94 4.55
N GLY A 16 -0.37 3.30 5.27
CA GLY A 16 -1.31 2.31 5.76
C GLY A 16 -1.89 1.50 4.63
N HIS A 17 -2.72 0.54 5.00
CA HIS A 17 -3.38 -0.31 4.00
C HIS A 17 -4.73 0.25 3.62
N LYS A 18 -4.97 0.33 2.30
CA LYS A 18 -6.21 0.83 1.80
C LYS A 18 -6.08 1.10 0.30
N ILE A 19 -6.57 0.16 -0.50
CA ILE A 19 -6.53 0.30 -1.94
C ILE A 19 -6.70 1.74 -2.40
N ASP A 20 -7.75 2.38 -1.92
CA ASP A 20 -8.02 3.76 -2.27
C ASP A 20 -8.12 3.95 -3.78
N ARG A 21 -8.72 5.06 -4.19
CA ARG A 21 -8.87 5.37 -5.60
C ARG A 21 -7.58 5.86 -6.17
N ILE A 22 -7.54 5.97 -7.51
CA ILE A 22 -6.36 6.41 -8.20
C ILE A 22 -5.70 7.60 -7.50
N GLY A 23 -4.44 7.84 -7.81
CA GLY A 23 -3.72 8.93 -7.20
C GLY A 23 -2.22 8.72 -7.20
N SER A 24 -1.56 9.21 -8.25
CA SER A 24 -0.12 9.06 -8.39
C SER A 24 0.61 9.36 -7.07
N HIS A 25 0.41 10.57 -6.56
CA HIS A 25 1.04 10.98 -5.30
C HIS A 25 0.80 9.94 -4.20
N SER A 26 -0.46 9.67 -3.90
CA SER A 26 -0.80 8.69 -2.90
C SER A 26 -0.41 7.31 -3.30
N GLY A 27 -0.15 6.44 -2.32
CA GLY A 27 0.24 5.08 -2.61
C GLY A 27 0.01 4.13 -1.45
N LEU A 28 -1.25 3.99 -1.05
CA LEU A 28 -1.60 3.10 0.05
C LEU A 28 -1.36 1.65 -0.31
N GLY A 29 -1.74 0.79 0.56
CA GLY A 29 -1.54 -0.64 0.32
C GLY A 29 -0.11 -1.08 0.58
N CYS A 30 0.27 -1.13 1.85
CA CYS A 30 1.62 -1.55 2.23
C CYS A 30 1.81 -3.04 2.00
N ASN A 31 0.74 -3.81 2.17
CA ASN A 31 0.79 -5.25 1.97
C ASN A 31 1.21 -5.60 0.54
N LYS A 32 1.85 -6.74 0.38
CA LYS A 32 2.31 -7.19 -0.93
C LYS A 32 1.14 -7.32 -1.90
N VAL A 33 1.24 -6.62 -3.04
CA VAL A 33 0.20 -6.67 -4.04
C VAL A 33 0.72 -7.27 -5.34
N ASP A 34 -0.08 -8.17 -5.92
CA ASP A 34 0.30 -8.83 -7.16
C ASP A 34 -0.59 -8.42 -8.29
N ASP A 35 -0.70 -7.10 -8.49
CA ASP A 35 -1.52 -6.54 -9.55
C ASP A 35 -3.01 -6.85 -9.32
N ASN A 36 -3.36 -8.13 -9.41
CA ASN A 36 -4.75 -8.56 -9.23
C ASN A 36 -5.41 -7.86 -8.04
N LYS A 37 -4.75 -7.91 -6.89
CA LYS A 37 -5.28 -7.28 -5.68
C LYS A 37 -4.93 -5.80 -5.65
N GLY A 38 -3.70 -5.47 -6.05
CA GLY A 38 -3.26 -4.08 -6.05
C GLY A 38 -3.37 -3.44 -4.68
N GLY A 1 9.42 9.03 4.46
CA GLY A 1 8.78 9.96 3.50
C GLY A 1 9.58 11.24 3.29
N ASP A 2 8.93 12.26 2.75
CA ASP A 2 9.58 13.54 2.50
C ASP A 2 9.18 14.56 3.55
N ASN A 3 7.90 14.94 3.56
CA ASN A 3 7.38 15.92 4.51
C ASN A 3 5.91 15.68 4.79
N LYS A 4 5.15 15.49 3.74
CA LYS A 4 3.71 15.26 3.88
C LYS A 4 3.38 13.80 3.58
N PRO A 5 3.43 12.94 4.59
CA PRO A 5 3.13 11.51 4.43
C PRO A 5 1.65 11.25 4.22
N PRO A 6 1.28 10.82 3.02
CA PRO A 6 -0.13 10.54 2.69
C PRO A 6 -0.66 9.31 3.41
N LYS A 7 -1.95 9.30 3.69
CA LYS A 7 -2.58 8.18 4.38
C LYS A 7 -1.98 7.98 5.73
N LYS A 8 -2.76 8.25 6.77
CA LYS A 8 -2.29 8.09 8.14
C LYS A 8 -2.77 6.76 8.73
N GLY A 9 -2.23 6.40 9.89
CA GLY A 9 -2.60 5.17 10.53
C GLY A 9 -1.43 4.46 11.19
N PRO A 10 -0.80 3.49 10.49
CA PRO A 10 0.33 2.75 11.02
C PRO A 10 1.62 3.56 10.99
N PRO A 11 2.14 3.95 12.17
CA PRO A 11 3.36 4.75 12.26
C PRO A 11 4.63 3.90 12.09
N ASN A 12 4.71 3.20 10.96
CA ASN A 12 5.86 2.36 10.66
C ASN A 12 5.70 1.66 9.31
N GLY A 13 6.82 1.24 8.74
CA GLY A 13 6.78 0.57 7.45
C GLY A 13 6.18 1.43 6.36
N CYS A 14 6.05 0.87 5.17
CA CYS A 14 5.48 1.60 4.04
C CYS A 14 3.98 1.81 4.23
N PHE A 15 3.33 2.40 3.22
CA PHE A 15 1.91 2.67 3.28
C PHE A 15 1.13 1.44 3.76
N GLY A 16 -0.01 1.67 4.39
CA GLY A 16 -0.79 0.60 4.89
C GLY A 16 -1.78 0.07 3.86
N HIS A 17 -2.71 -0.76 4.33
CA HIS A 17 -3.72 -1.36 3.46
C HIS A 17 -4.54 -0.28 2.75
N LYS A 18 -5.47 -0.73 1.92
CA LYS A 18 -6.32 0.16 1.19
C LYS A 18 -5.57 0.82 0.04
N ILE A 19 -5.50 0.13 -1.06
CA ILE A 19 -4.81 0.64 -2.23
C ILE A 19 -5.40 1.98 -2.68
N ASP A 20 -6.68 2.14 -2.47
CA ASP A 20 -7.35 3.36 -2.85
C ASP A 20 -7.25 3.64 -4.31
N ARG A 21 -8.12 4.46 -4.87
CA ARG A 21 -8.12 4.82 -6.27
C ARG A 21 -7.18 5.97 -6.54
N ILE A 22 -6.84 6.14 -7.81
CA ILE A 22 -5.96 7.22 -8.21
C ILE A 22 -4.64 7.18 -7.43
N GLY A 23 -3.70 8.02 -7.79
CA GLY A 23 -2.42 8.05 -7.11
C GLY A 23 -1.80 9.44 -7.11
N SER A 24 -2.60 10.45 -6.78
CA SER A 24 -2.12 11.80 -6.76
C SER A 24 -0.94 11.95 -5.80
N HIS A 25 -1.19 11.62 -4.54
CA HIS A 25 -0.14 11.72 -3.51
C HIS A 25 0.07 10.38 -2.82
N SER A 26 -0.99 9.86 -2.22
CA SER A 26 -0.93 8.57 -1.52
C SER A 26 -0.52 7.46 -2.47
N GLY A 27 0.15 6.44 -1.93
CA GLY A 27 0.56 5.33 -2.73
C GLY A 27 0.43 4.02 -2.00
N LEU A 28 -0.77 3.74 -1.52
CA LEU A 28 -1.04 2.50 -0.79
C LEU A 28 -0.78 1.29 -1.68
N GLY A 29 -0.97 0.14 -1.14
CA GLY A 29 -0.75 -1.08 -1.90
C GLY A 29 0.49 -1.83 -1.45
N CYS A 30 0.74 -1.84 -0.14
CA CYS A 30 1.89 -2.53 0.41
C CYS A 30 1.48 -3.86 1.03
N ASN A 31 0.85 -3.79 2.20
CA ASN A 31 0.40 -4.99 2.90
C ASN A 31 -0.84 -5.57 2.24
N LYS A 32 -1.08 -6.86 2.46
CA LYS A 32 -2.24 -7.53 1.89
C LYS A 32 -3.34 -7.71 2.93
N VAL A 33 -4.58 -7.77 2.48
CA VAL A 33 -5.72 -7.94 3.36
C VAL A 33 -6.47 -9.22 3.05
N ASP A 34 -6.82 -9.96 4.10
CA ASP A 34 -7.54 -11.22 3.95
C ASP A 34 -9.03 -10.96 3.70
N ASP A 35 -9.34 -10.29 2.61
CA ASP A 35 -10.72 -9.97 2.26
C ASP A 35 -11.49 -11.25 1.91
N ASN A 36 -12.22 -11.77 2.88
CA ASN A 36 -13.02 -12.98 2.69
C ASN A 36 -13.88 -12.88 1.44
N LYS A 37 -14.23 -14.03 0.87
CA LYS A 37 -15.04 -14.08 -0.30
C LYS A 37 -14.36 -13.35 -1.46
N GLY A 38 -13.48 -14.06 -2.17
CA GLY A 38 -12.78 -13.46 -3.30
C GLY A 38 -11.34 -13.13 -2.96
N GLY A 1 -7.55 -14.82 -8.90
CA GLY A 1 -7.04 -15.18 -7.59
C GLY A 1 -5.60 -14.73 -7.41
N ASP A 2 -5.40 -13.76 -6.52
CA ASP A 2 -4.06 -13.25 -6.24
C ASP A 2 -3.44 -12.65 -7.50
N ASN A 3 -3.78 -11.40 -7.79
CA ASN A 3 -3.24 -10.73 -8.95
C ASN A 3 -2.09 -9.81 -8.58
N LYS A 4 -2.29 -8.99 -7.56
CA LYS A 4 -1.25 -8.08 -7.10
C LYS A 4 -0.65 -8.55 -5.78
N PRO A 5 0.29 -9.50 -5.83
CA PRO A 5 0.94 -10.04 -4.63
C PRO A 5 1.88 -9.03 -3.98
N PRO A 6 1.51 -8.50 -2.80
CA PRO A 6 2.34 -7.53 -2.08
C PRO A 6 3.61 -8.14 -1.52
N LYS A 7 4.53 -7.28 -1.07
CA LYS A 7 5.80 -7.74 -0.53
C LYS A 7 6.33 -6.75 0.51
N LYS A 8 7.29 -7.21 1.31
CA LYS A 8 7.86 -6.39 2.35
C LYS A 8 8.92 -5.47 1.76
N GLY A 9 9.41 -4.55 2.57
CA GLY A 9 10.43 -3.61 2.11
C GLY A 9 10.71 -2.52 3.13
N PRO A 10 9.72 -1.71 3.49
CA PRO A 10 9.90 -0.62 4.45
C PRO A 10 10.12 -1.15 5.88
N PRO A 11 11.35 -0.98 6.41
CA PRO A 11 11.69 -1.45 7.76
C PRO A 11 11.04 -0.60 8.84
N ASN A 12 9.71 -0.59 8.85
CA ASN A 12 8.98 0.18 9.83
C ASN A 12 7.48 0.05 9.60
N GLY A 13 7.09 -0.04 8.34
CA GLY A 13 5.68 -0.15 8.01
C GLY A 13 5.30 0.69 6.81
N CYS A 14 4.95 0.03 5.72
CA CYS A 14 4.56 0.73 4.51
C CYS A 14 3.33 1.57 4.72
N PHE A 15 2.93 2.32 3.69
CA PHE A 15 1.75 3.18 3.78
C PHE A 15 0.53 2.36 4.19
N GLY A 16 -0.54 3.07 4.57
CA GLY A 16 -1.76 2.41 4.98
C GLY A 16 -2.29 1.48 3.93
N HIS A 17 -3.08 0.51 4.38
CA HIS A 17 -3.68 -0.47 3.49
C HIS A 17 -4.63 0.18 2.50
N LYS A 18 -5.18 -0.63 1.60
CA LYS A 18 -6.10 -0.15 0.61
C LYS A 18 -5.36 0.59 -0.49
N ILE A 19 -5.08 -0.13 -1.56
CA ILE A 19 -4.38 0.45 -2.70
C ILE A 19 -4.99 1.79 -3.11
N ASP A 20 -6.30 1.92 -2.92
CA ASP A 20 -7.02 3.14 -3.27
C ASP A 20 -6.71 3.57 -4.70
N ARG A 21 -7.62 3.25 -5.62
CA ARG A 21 -7.44 3.60 -7.02
C ARG A 21 -7.14 5.09 -7.18
N ILE A 22 -6.38 5.41 -8.20
CA ILE A 22 -6.03 6.80 -8.47
C ILE A 22 -5.39 7.44 -7.24
N GLY A 23 -4.91 8.66 -7.39
CA GLY A 23 -4.28 9.36 -6.29
C GLY A 23 -2.78 9.50 -6.47
N SER A 24 -2.35 10.62 -7.05
CA SER A 24 -0.93 10.87 -7.27
C SER A 24 -0.16 10.84 -5.96
N HIS A 25 -0.45 11.81 -5.09
CA HIS A 25 0.22 11.90 -3.80
C HIS A 25 0.08 10.60 -3.02
N SER A 26 -1.15 10.19 -2.77
CA SER A 26 -1.41 8.98 -2.02
C SER A 26 -0.82 7.78 -2.70
N GLY A 27 -0.14 6.93 -1.92
CA GLY A 27 0.49 5.75 -2.48
C GLY A 27 0.25 4.53 -1.62
N LEU A 28 -1.01 4.26 -1.31
CA LEU A 28 -1.38 3.11 -0.49
C LEU A 28 -1.23 1.81 -1.27
N GLY A 29 -1.58 0.73 -0.65
CA GLY A 29 -1.49 -0.55 -1.30
C GLY A 29 -0.12 -1.18 -1.15
N CYS A 30 0.19 -1.66 0.05
CA CYS A 30 1.47 -2.28 0.33
C CYS A 30 1.27 -3.62 1.04
N ASN A 31 0.95 -3.57 2.32
CA ASN A 31 0.73 -4.77 3.12
C ASN A 31 -0.42 -5.60 2.55
N LYS A 32 -0.72 -6.71 3.20
CA LYS A 32 -1.81 -7.59 2.77
C LYS A 32 -3.16 -6.91 2.95
N VAL A 33 -4.14 -7.33 2.16
CA VAL A 33 -5.47 -6.77 2.23
C VAL A 33 -6.50 -7.85 2.58
N ASP A 34 -7.39 -7.52 3.49
CA ASP A 34 -8.41 -8.45 3.92
C ASP A 34 -9.67 -8.31 3.07
N ASP A 35 -9.53 -8.55 1.77
CA ASP A 35 -10.65 -8.45 0.86
C ASP A 35 -11.33 -9.80 0.69
N ASN A 36 -10.62 -10.75 0.11
CA ASN A 36 -11.15 -12.09 -0.13
C ASN A 36 -11.74 -12.67 1.15
N LYS A 37 -13.06 -12.68 1.23
CA LYS A 37 -13.75 -13.22 2.38
C LYS A 37 -13.58 -14.73 2.50
N GLY A 38 -13.30 -15.20 3.70
CA GLY A 38 -13.11 -16.62 3.92
C GLY A 38 -14.31 -17.28 4.58
N GLY A 1 17.22 1.98 -18.29
CA GLY A 1 16.25 2.42 -17.26
C GLY A 1 14.94 2.89 -17.86
N ASP A 2 13.91 2.98 -17.03
CA ASP A 2 12.59 3.42 -17.48
C ASP A 2 11.63 3.54 -16.32
N ASN A 3 11.49 2.46 -15.55
CA ASN A 3 10.60 2.45 -14.39
C ASN A 3 10.96 1.32 -13.44
N LYS A 4 11.79 1.63 -12.44
CA LYS A 4 12.21 0.66 -11.48
C LYS A 4 10.99 0.05 -10.73
N PRO A 5 10.67 -1.22 -11.01
CA PRO A 5 9.54 -1.89 -10.36
C PRO A 5 9.77 -2.14 -8.88
N PRO A 6 9.06 -1.43 -8.00
CA PRO A 6 9.22 -1.59 -6.55
C PRO A 6 8.69 -2.94 -6.05
N LYS A 7 9.30 -3.44 -4.98
CA LYS A 7 8.89 -4.72 -4.41
C LYS A 7 7.42 -4.69 -3.99
N LYS A 8 6.87 -5.86 -3.75
CA LYS A 8 5.47 -5.97 -3.35
C LYS A 8 5.19 -5.14 -2.10
N GLY A 9 3.94 -5.05 -1.73
CA GLY A 9 3.56 -4.28 -0.56
C GLY A 9 4.24 -4.78 0.71
N PRO A 10 5.18 -4.03 1.27
CA PRO A 10 5.88 -4.42 2.49
C PRO A 10 5.02 -4.31 3.73
N PRO A 11 4.65 -5.45 4.33
CA PRO A 11 3.80 -5.47 5.52
C PRO A 11 4.53 -4.94 6.75
N ASN A 12 4.83 -3.65 6.75
CA ASN A 12 5.51 -3.05 7.87
C ASN A 12 5.67 -1.55 7.63
N GLY A 13 5.05 -0.78 8.49
CA GLY A 13 5.13 0.67 8.37
C GLY A 13 4.61 1.17 7.04
N CYS A 14 5.51 1.71 6.22
CA CYS A 14 5.14 2.22 4.91
C CYS A 14 3.92 3.12 4.97
N PHE A 15 3.43 3.55 3.81
CA PHE A 15 2.27 4.42 3.73
C PHE A 15 1.07 3.78 4.44
N GLY A 16 0.06 4.60 4.72
CA GLY A 16 -1.13 4.10 5.39
C GLY A 16 -1.77 2.94 4.66
N HIS A 17 -2.60 2.21 5.37
CA HIS A 17 -3.29 1.07 4.80
C HIS A 17 -4.18 1.49 3.64
N LYS A 18 -4.84 0.52 3.03
CA LYS A 18 -5.71 0.75 1.92
C LYS A 18 -4.91 0.99 0.65
N ILE A 19 -4.77 -0.05 -0.13
CA ILE A 19 -4.03 0.05 -1.38
C ILE A 19 -4.45 1.27 -2.20
N ASP A 20 -5.75 1.52 -2.25
CA ASP A 20 -6.29 2.66 -2.98
C ASP A 20 -5.68 2.75 -4.37
N ARG A 21 -6.36 2.18 -5.36
CA ARG A 21 -5.89 2.20 -6.73
C ARG A 21 -5.67 3.63 -7.22
N ILE A 22 -4.47 4.11 -7.00
CA ILE A 22 -4.12 5.47 -7.40
C ILE A 22 -5.11 6.49 -6.83
N GLY A 23 -4.82 7.78 -7.03
CA GLY A 23 -5.67 8.80 -6.56
C GLY A 23 -5.16 10.19 -6.88
N SER A 24 -4.23 10.68 -6.07
CA SER A 24 -3.66 12.01 -6.28
C SER A 24 -2.15 11.94 -6.42
N HIS A 25 -1.44 11.88 -5.31
CA HIS A 25 0.00 11.81 -5.30
C HIS A 25 0.49 10.54 -4.61
N SER A 26 0.01 10.31 -3.41
CA SER A 26 0.39 9.12 -2.64
C SER A 26 0.27 7.87 -3.45
N GLY A 27 0.73 6.76 -2.89
CA GLY A 27 0.67 5.49 -3.60
C GLY A 27 0.57 4.31 -2.65
N LEU A 28 -0.50 4.27 -1.87
CA LEU A 28 -0.71 3.18 -0.92
C LEU A 28 -0.61 1.82 -1.60
N GLY A 29 -0.59 0.79 -0.82
CA GLY A 29 -0.48 -0.54 -1.36
C GLY A 29 0.59 -1.36 -0.67
N CYS A 30 0.33 -1.74 0.58
CA CYS A 30 1.27 -2.53 1.35
C CYS A 30 0.69 -3.90 1.70
N ASN A 31 -0.55 -3.90 2.19
CA ASN A 31 -1.22 -5.14 2.56
C ASN A 31 -1.27 -6.11 1.39
N LYS A 32 -1.89 -7.26 1.60
CA LYS A 32 -2.00 -8.28 0.57
C LYS A 32 -2.77 -7.75 -0.64
N VAL A 33 -2.41 -8.23 -1.81
CA VAL A 33 -3.07 -7.79 -3.04
C VAL A 33 -3.74 -8.97 -3.75
N ASP A 34 -4.96 -8.77 -4.18
CA ASP A 34 -5.71 -9.81 -4.87
C ASP A 34 -5.32 -9.86 -6.35
N ASP A 35 -4.05 -10.15 -6.62
CA ASP A 35 -3.57 -10.23 -7.99
C ASP A 35 -2.40 -11.19 -8.10
N ASN A 36 -1.46 -11.05 -7.19
CA ASN A 36 -0.28 -11.91 -7.18
C ASN A 36 -0.67 -13.39 -7.26
N LYS A 37 0.21 -14.20 -7.82
CA LYS A 37 -0.04 -15.62 -7.96
C LYS A 37 -1.28 -15.88 -8.80
N GLY A 38 -1.12 -15.80 -10.11
CA GLY A 38 -2.24 -16.04 -11.00
C GLY A 38 -2.17 -17.38 -11.69
N GLY A 1 -1.89 -3.92 -17.19
CA GLY A 1 -1.52 -2.72 -16.37
C GLY A 1 -0.37 -2.99 -15.44
N ASP A 2 -0.06 -2.02 -14.59
CA ASP A 2 1.04 -2.15 -13.63
C ASP A 2 2.36 -2.29 -14.35
N ASN A 3 2.67 -3.47 -14.86
CA ASN A 3 3.89 -3.75 -15.58
C ASN A 3 5.07 -3.84 -14.60
N LYS A 4 5.25 -2.81 -13.79
CA LYS A 4 6.34 -2.77 -12.83
C LYS A 4 5.78 -2.96 -11.43
N PRO A 5 5.66 -4.22 -10.99
CA PRO A 5 5.16 -4.55 -9.65
C PRO A 5 6.15 -4.19 -8.56
N PRO A 6 5.84 -3.16 -7.74
CA PRO A 6 6.73 -2.72 -6.65
C PRO A 6 6.80 -3.75 -5.52
N LYS A 7 7.75 -3.54 -4.61
CA LYS A 7 7.93 -4.44 -3.48
C LYS A 7 6.96 -4.08 -2.35
N LYS A 8 6.59 -5.08 -1.55
CA LYS A 8 5.69 -4.85 -0.44
C LYS A 8 6.45 -4.60 0.85
N GLY A 9 5.73 -4.23 1.91
CA GLY A 9 6.35 -3.96 3.18
C GLY A 9 5.61 -4.53 4.34
N PRO A 10 6.29 -4.89 5.44
CA PRO A 10 5.66 -5.46 6.62
C PRO A 10 4.83 -4.45 7.35
N PRO A 11 3.94 -4.94 8.25
CA PRO A 11 3.08 -4.06 9.03
C PRO A 11 3.85 -3.26 10.08
N ASN A 12 4.25 -2.08 9.69
CA ASN A 12 5.00 -1.21 10.60
C ASN A 12 5.42 0.07 9.88
N GLY A 13 5.72 -0.05 8.61
CA GLY A 13 6.14 1.09 7.82
C GLY A 13 5.48 1.14 6.45
N CYS A 14 5.82 2.15 5.67
CA CYS A 14 5.26 2.31 4.33
C CYS A 14 3.75 2.47 4.39
N PHE A 15 3.18 3.06 3.34
CA PHE A 15 1.74 3.28 3.27
C PHE A 15 0.97 1.98 3.54
N GLY A 16 -0.31 2.13 3.87
CA GLY A 16 -1.12 0.99 4.14
C GLY A 16 -1.53 0.26 2.88
N HIS A 17 -2.53 -0.62 3.02
CA HIS A 17 -3.03 -1.39 1.89
C HIS A 17 -3.54 -0.47 0.79
N LYS A 18 -3.87 -1.06 -0.32
CA LYS A 18 -4.35 -0.30 -1.45
C LYS A 18 -5.88 -0.20 -1.43
N ILE A 19 -6.41 0.18 -0.29
CA ILE A 19 -7.84 0.32 -0.14
C ILE A 19 -8.37 1.51 -0.93
N ASP A 20 -7.65 2.63 -0.85
CA ASP A 20 -8.05 3.84 -1.57
C ASP A 20 -7.68 3.74 -3.05
N ARG A 21 -8.59 4.15 -3.91
CA ARG A 21 -8.37 4.13 -5.32
C ARG A 21 -7.67 5.40 -5.79
N ILE A 22 -6.95 5.30 -6.90
CA ILE A 22 -6.24 6.42 -7.45
C ILE A 22 -5.33 7.05 -6.41
N GLY A 23 -4.52 8.01 -6.84
CA GLY A 23 -3.61 8.68 -5.93
C GLY A 23 -2.36 9.15 -6.62
N SER A 24 -2.37 10.40 -7.09
CA SER A 24 -1.22 10.98 -7.77
C SER A 24 0.00 11.01 -6.85
N HIS A 25 -0.08 11.83 -5.82
CA HIS A 25 1.02 11.96 -4.85
C HIS A 25 1.12 10.72 -3.98
N SER A 26 0.04 10.39 -3.30
CA SER A 26 0.01 9.23 -2.43
C SER A 26 0.25 7.96 -3.18
N GLY A 27 0.39 6.85 -2.46
CA GLY A 27 0.64 5.57 -3.10
C GLY A 27 0.46 4.41 -2.16
N LEU A 28 -0.78 4.17 -1.76
CA LEU A 28 -1.10 3.07 -0.84
C LEU A 28 -0.94 1.73 -1.54
N GLY A 29 -0.96 0.70 -0.77
CA GLY A 29 -0.82 -0.63 -1.32
C GLY A 29 0.51 -1.27 -0.99
N CYS A 30 0.83 -1.34 0.29
CA CYS A 30 2.09 -1.91 0.74
C CYS A 30 1.85 -3.26 1.43
N ASN A 31 1.28 -3.21 2.62
CA ASN A 31 1.00 -4.42 3.39
C ASN A 31 -0.06 -5.28 2.68
N LYS A 32 0.00 -6.58 2.92
CA LYS A 32 -0.95 -7.51 2.31
C LYS A 32 -1.52 -8.46 3.35
N VAL A 33 -2.64 -9.08 3.02
CA VAL A 33 -3.30 -10.01 3.93
C VAL A 33 -3.38 -11.41 3.31
N ASP A 34 -3.06 -12.42 4.11
CA ASP A 34 -3.09 -13.81 3.64
C ASP A 34 -3.59 -14.73 4.75
N ASP A 35 -4.81 -14.48 5.21
CA ASP A 35 -5.42 -15.30 6.27
C ASP A 35 -6.93 -15.31 6.14
N ASN A 36 -7.51 -14.14 5.94
CA ASN A 36 -8.95 -14.00 5.80
C ASN A 36 -9.52 -14.96 4.78
N LYS A 37 -10.83 -15.00 4.63
CA LYS A 37 -11.49 -15.88 3.68
C LYS A 37 -11.03 -15.56 2.27
N GLY A 38 -10.71 -14.30 2.01
CA GLY A 38 -10.25 -13.90 0.69
C GLY A 38 -11.40 -13.74 -0.29
N GLY A 1 -4.23 18.03 -3.97
CA GLY A 1 -5.58 18.21 -3.36
C GLY A 1 -5.54 18.17 -1.85
N ASP A 2 -5.51 19.36 -1.24
CA ASP A 2 -5.46 19.46 0.21
C ASP A 2 -6.83 19.12 0.82
N ASN A 3 -7.90 19.45 0.10
CA ASN A 3 -9.25 19.19 0.57
C ASN A 3 -9.48 17.68 0.70
N LYS A 4 -9.14 16.94 -0.34
CA LYS A 4 -9.32 15.49 -0.34
C LYS A 4 -8.53 14.85 0.79
N PRO A 5 -9.23 14.32 1.82
CA PRO A 5 -8.58 13.68 2.96
C PRO A 5 -7.93 12.34 2.60
N PRO A 6 -6.59 12.28 2.59
CA PRO A 6 -5.87 11.05 2.25
C PRO A 6 -6.02 9.97 3.31
N LYS A 7 -5.60 8.75 2.98
CA LYS A 7 -5.70 7.63 3.90
C LYS A 7 -4.88 7.91 5.17
N LYS A 8 -5.18 7.15 6.23
CA LYS A 8 -4.47 7.32 7.49
C LYS A 8 -3.13 6.64 7.44
N GLY A 9 -2.31 6.90 8.46
CA GLY A 9 -1.00 6.29 8.52
C GLY A 9 -0.92 5.17 9.52
N PRO A 10 -1.18 3.92 9.09
CA PRO A 10 -1.13 2.75 9.97
C PRO A 10 0.29 2.39 10.40
N PRO A 11 0.44 1.74 11.57
CA PRO A 11 1.75 1.35 12.08
C PRO A 11 2.39 0.23 11.25
N ASN A 12 3.05 0.62 10.17
CA ASN A 12 3.71 -0.34 9.28
C ASN A 12 4.67 0.37 8.34
N GLY A 13 5.28 1.46 8.81
CA GLY A 13 6.22 2.19 7.98
C GLY A 13 5.58 2.72 6.71
N CYS A 14 5.58 1.89 5.66
CA CYS A 14 5.01 2.27 4.38
C CYS A 14 3.49 2.37 4.48
N PHE A 15 2.87 2.88 3.42
CA PHE A 15 1.43 3.03 3.38
C PHE A 15 0.73 1.69 3.55
N GLY A 16 -0.37 1.68 4.29
CA GLY A 16 -1.09 0.48 4.51
C GLY A 16 -1.63 -0.12 3.23
N HIS A 17 -2.73 -0.85 3.33
CA HIS A 17 -3.35 -1.48 2.17
C HIS A 17 -3.68 -0.45 1.10
N LYS A 18 -4.13 -0.94 -0.01
CA LYS A 18 -4.47 -0.08 -1.11
C LYS A 18 -5.95 0.31 -1.06
N ILE A 19 -6.38 0.76 0.08
CA ILE A 19 -7.76 1.17 0.26
C ILE A 19 -8.08 2.42 -0.53
N ASP A 20 -7.26 3.45 -0.34
CA ASP A 20 -7.45 4.72 -1.03
C ASP A 20 -7.39 4.54 -2.55
N ARG A 21 -8.28 5.19 -3.27
CA ARG A 21 -8.34 5.11 -4.69
C ARG A 21 -7.28 5.99 -5.33
N ILE A 22 -7.00 5.75 -6.60
CA ILE A 22 -6.01 6.50 -7.32
C ILE A 22 -4.68 6.49 -6.59
N GLY A 23 -3.65 7.06 -7.23
CA GLY A 23 -2.35 7.11 -6.61
C GLY A 23 -1.57 8.36 -7.00
N SER A 24 -2.29 9.46 -7.20
CA SER A 24 -1.67 10.73 -7.58
C SER A 24 -0.68 11.18 -6.51
N HIS A 25 -1.22 11.54 -5.34
CA HIS A 25 -0.39 11.98 -4.25
C HIS A 25 0.07 10.81 -3.39
N SER A 26 -0.89 10.01 -2.94
CA SER A 26 -0.59 8.85 -2.11
C SER A 26 0.09 7.77 -2.88
N GLY A 27 0.55 6.73 -2.20
CA GLY A 27 1.23 5.64 -2.86
C GLY A 27 1.06 4.32 -2.14
N LEU A 28 -0.18 3.89 -1.99
CA LEU A 28 -0.47 2.63 -1.31
C LEU A 28 0.20 1.48 -2.03
N GLY A 29 -0.08 0.27 -1.55
CA GLY A 29 0.52 -0.91 -2.14
C GLY A 29 1.72 -1.40 -1.36
N CYS A 30 1.51 -1.91 -0.17
CA CYS A 30 2.56 -2.44 0.67
C CYS A 30 2.13 -3.64 1.46
N ASN A 31 0.96 -3.54 2.09
CA ASN A 31 0.41 -4.65 2.86
C ASN A 31 0.01 -5.80 1.97
N LYS A 32 -0.53 -6.86 2.57
CA LYS A 32 -0.96 -8.03 1.83
C LYS A 32 -2.05 -7.67 0.82
N VAL A 33 -1.65 -7.42 -0.42
CA VAL A 33 -2.59 -7.06 -1.46
C VAL A 33 -2.56 -8.08 -2.60
N ASP A 34 -3.74 -8.48 -3.06
CA ASP A 34 -3.85 -9.46 -4.14
C ASP A 34 -3.61 -8.79 -5.49
N ASP A 35 -2.41 -8.24 -5.68
CA ASP A 35 -2.06 -7.57 -6.92
C ASP A 35 -1.62 -8.59 -7.97
N ASN A 36 -2.40 -8.72 -9.04
CA ASN A 36 -2.10 -9.64 -10.12
C ASN A 36 -0.65 -9.48 -10.61
N LYS A 37 0.17 -10.47 -10.35
CA LYS A 37 1.57 -10.43 -10.76
C LYS A 37 1.69 -10.31 -12.27
N GLY A 38 0.74 -10.91 -12.99
CA GLY A 38 0.76 -10.85 -14.44
C GLY A 38 -0.60 -10.61 -15.00
N GLY A 1 -4.03 -2.27 -11.20
CA GLY A 1 -3.38 -3.33 -12.01
C GLY A 1 -2.80 -4.45 -11.16
N ASP A 2 -2.38 -5.52 -11.81
CA ASP A 2 -1.80 -6.66 -11.11
C ASP A 2 -0.93 -7.49 -12.03
N ASN A 3 0.36 -7.58 -11.70
CA ASN A 3 1.30 -8.34 -12.50
C ASN A 3 2.66 -8.34 -11.87
N LYS A 4 3.20 -7.17 -11.60
CA LYS A 4 4.52 -7.05 -10.98
C LYS A 4 4.38 -6.61 -9.52
N PRO A 5 4.22 -7.57 -8.60
CA PRO A 5 4.08 -7.29 -7.16
C PRO A 5 5.39 -6.80 -6.54
N PRO A 6 5.46 -5.52 -6.17
CA PRO A 6 6.65 -4.97 -5.56
C PRO A 6 6.91 -5.49 -4.15
N LYS A 7 8.16 -5.50 -3.75
CA LYS A 7 8.54 -5.99 -2.43
C LYS A 7 9.79 -5.28 -1.92
N LYS A 8 9.63 -4.04 -1.46
CA LYS A 8 10.76 -3.26 -0.96
C LYS A 8 10.76 -3.24 0.57
N GLY A 9 11.82 -2.69 1.15
CA GLY A 9 11.93 -2.63 2.60
C GLY A 9 11.66 -1.24 3.13
N PRO A 10 10.39 -0.93 3.47
CA PRO A 10 10.01 0.39 4.01
C PRO A 10 10.54 0.61 5.42
N PRO A 11 10.75 1.88 5.80
CA PRO A 11 11.26 2.22 7.12
C PRO A 11 10.23 1.99 8.20
N ASN A 12 9.83 0.73 8.37
CA ASN A 12 8.85 0.37 9.37
C ASN A 12 7.53 1.10 9.14
N GLY A 13 6.51 0.36 8.70
CA GLY A 13 5.21 0.96 8.45
C GLY A 13 5.26 1.97 7.32
N CYS A 14 4.51 1.71 6.26
CA CYS A 14 4.46 2.60 5.11
C CYS A 14 3.03 3.05 4.83
N PHE A 15 2.35 2.36 3.91
CA PHE A 15 0.97 2.71 3.57
C PHE A 15 0.04 1.51 3.79
N GLY A 16 -1.18 1.81 4.24
CA GLY A 16 -2.12 0.77 4.50
C GLY A 16 -2.50 0.01 3.24
N HIS A 17 -3.68 -0.60 3.26
CA HIS A 17 -4.17 -1.37 2.13
C HIS A 17 -4.21 -0.51 0.86
N LYS A 18 -4.50 -1.16 -0.22
CA LYS A 18 -4.56 -0.46 -1.50
C LYS A 18 -6.01 -0.23 -1.93
N ILE A 19 -6.84 0.09 -0.98
CA ILE A 19 -8.25 0.35 -1.27
C ILE A 19 -8.46 1.76 -1.79
N ASP A 20 -7.84 2.73 -1.12
CA ASP A 20 -7.96 4.13 -1.53
C ASP A 20 -7.44 4.32 -2.95
N ARG A 21 -8.16 5.12 -3.72
CA ARG A 21 -7.77 5.41 -5.08
C ARG A 21 -6.45 6.11 -5.13
N ILE A 22 -5.48 5.49 -5.79
CA ILE A 22 -4.15 6.07 -5.91
C ILE A 22 -3.94 6.70 -7.29
N GLY A 23 -2.82 7.39 -7.46
CA GLY A 23 -2.53 8.03 -8.73
C GLY A 23 -2.54 9.54 -8.63
N SER A 24 -1.92 10.07 -7.59
CA SER A 24 -1.86 11.51 -7.38
C SER A 24 -0.85 11.87 -6.29
N HIS A 25 -1.17 11.51 -5.06
CA HIS A 25 -0.29 11.78 -3.93
C HIS A 25 0.03 10.51 -3.16
N SER A 26 -1.00 9.87 -2.65
CA SER A 26 -0.84 8.64 -1.88
C SER A 26 -0.16 7.57 -2.69
N GLY A 27 0.27 6.50 -2.03
CA GLY A 27 0.93 5.42 -2.72
C GLY A 27 0.77 4.09 -2.01
N LEU A 28 -0.47 3.64 -1.88
CA LEU A 28 -0.76 2.37 -1.21
C LEU A 28 -0.09 1.23 -1.94
N GLY A 29 -0.22 0.05 -1.39
CA GLY A 29 0.40 -1.12 -1.99
C GLY A 29 1.48 -1.72 -1.11
N CYS A 30 1.37 -1.52 0.20
CA CYS A 30 2.33 -2.06 1.15
C CYS A 30 1.81 -3.30 1.84
N ASN A 31 0.67 -3.16 2.51
CA ASN A 31 0.06 -4.27 3.22
C ASN A 31 -0.55 -5.28 2.24
N LYS A 32 -1.16 -6.33 2.77
CA LYS A 32 -1.78 -7.35 1.93
C LYS A 32 -2.48 -8.40 2.79
N VAL A 33 -3.67 -8.06 3.27
CA VAL A 33 -4.43 -8.98 4.09
C VAL A 33 -5.77 -9.32 3.44
N ASP A 34 -6.12 -10.61 3.46
CA ASP A 34 -7.37 -11.06 2.86
C ASP A 34 -8.39 -11.42 3.95
N ASP A 35 -8.67 -10.45 4.81
CA ASP A 35 -9.62 -10.65 5.89
C ASP A 35 -11.02 -10.20 5.48
N ASN A 36 -11.93 -10.18 6.44
CA ASN A 36 -13.31 -9.76 6.18
C ASN A 36 -14.01 -10.74 5.23
N LYS A 37 -13.65 -10.68 3.96
CA LYS A 37 -14.24 -11.55 2.95
C LYS A 37 -13.59 -11.34 1.60
N GLY A 38 -13.66 -10.14 1.09
CA GLY A 38 -13.07 -9.84 -0.19
C GLY A 38 -13.56 -8.52 -0.76
N GLY A 1 6.05 9.04 -8.01
CA GLY A 1 7.26 9.03 -8.87
C GLY A 1 8.17 10.22 -8.63
N ASP A 2 9.48 9.99 -8.74
CA ASP A 2 10.45 11.06 -8.53
C ASP A 2 11.87 10.57 -8.83
N ASN A 3 12.83 11.48 -8.78
CA ASN A 3 14.21 11.14 -9.04
C ASN A 3 14.72 10.10 -8.04
N LYS A 4 14.45 10.37 -6.78
CA LYS A 4 14.87 9.46 -5.71
C LYS A 4 14.26 8.07 -5.92
N PRO A 5 15.10 7.07 -6.29
CA PRO A 5 14.62 5.70 -6.50
C PRO A 5 14.21 5.01 -5.21
N PRO A 6 12.91 4.77 -5.01
CA PRO A 6 12.39 4.11 -3.81
C PRO A 6 12.78 2.65 -3.73
N LYS A 7 12.92 2.14 -2.50
CA LYS A 7 13.30 0.74 -2.31
C LYS A 7 12.06 -0.16 -2.31
N LYS A 8 12.28 -1.46 -2.47
CA LYS A 8 11.20 -2.42 -2.49
C LYS A 8 10.76 -2.78 -1.07
N GLY A 9 9.65 -3.50 -0.96
CA GLY A 9 9.16 -3.90 0.35
C GLY A 9 8.83 -2.72 1.23
N PRO A 10 7.98 -2.90 2.25
CA PRO A 10 7.60 -1.82 3.18
C PRO A 10 8.75 -1.42 4.11
N PRO A 11 9.31 -0.22 3.91
CA PRO A 11 10.43 0.27 4.73
C PRO A 11 9.98 0.59 6.16
N ASN A 12 9.53 -0.43 6.88
CA ASN A 12 9.10 -0.26 8.26
C ASN A 12 7.94 0.70 8.31
N GLY A 13 6.75 0.18 8.60
CA GLY A 13 5.57 1.02 8.69
C GLY A 13 4.79 1.07 7.40
N CYS A 14 5.43 1.57 6.34
CA CYS A 14 4.77 1.69 5.06
C CYS A 14 3.56 2.58 5.11
N PHE A 15 3.16 3.14 3.97
CA PHE A 15 2.01 4.02 3.89
C PHE A 15 0.77 3.35 4.44
N GLY A 16 -0.35 4.06 4.42
CA GLY A 16 -1.60 3.51 4.92
C GLY A 16 -2.08 2.33 4.13
N HIS A 17 -2.88 1.50 4.75
CA HIS A 17 -3.42 0.33 4.10
C HIS A 17 -4.52 0.71 3.12
N LYS A 18 -5.08 -0.31 2.46
CA LYS A 18 -6.13 -0.12 1.51
C LYS A 18 -5.57 0.40 0.19
N ILE A 19 -5.39 -0.49 -0.73
CA ILE A 19 -4.85 -0.14 -2.05
C ILE A 19 -5.43 1.17 -2.56
N ASP A 20 -6.75 1.29 -2.50
CA ASP A 20 -7.44 2.49 -2.97
C ASP A 20 -7.12 2.77 -4.43
N ARG A 21 -7.95 3.59 -5.06
CA ARG A 21 -7.76 3.93 -6.47
C ARG A 21 -6.54 4.82 -6.65
N ILE A 22 -6.17 5.02 -7.91
CA ILE A 22 -5.03 5.82 -8.25
C ILE A 22 -4.94 7.08 -7.38
N GLY A 23 -3.76 7.69 -7.35
CA GLY A 23 -3.57 8.88 -6.55
C GLY A 23 -2.10 9.20 -6.34
N SER A 24 -1.53 9.97 -7.25
CA SER A 24 -0.13 10.37 -7.17
C SER A 24 0.29 10.71 -5.75
N HIS A 25 -0.39 11.68 -5.17
CA HIS A 25 -0.09 12.09 -3.82
C HIS A 25 -0.02 10.90 -2.87
N SER A 26 -1.13 10.16 -2.81
CA SER A 26 -1.21 8.99 -1.95
C SER A 26 -0.38 7.86 -2.49
N GLY A 27 -0.23 6.79 -1.70
CA GLY A 27 0.54 5.65 -2.15
C GLY A 27 0.17 4.37 -1.42
N LEU A 28 -1.13 4.18 -1.18
CA LEU A 28 -1.61 3.00 -0.48
C LEU A 28 -1.33 1.74 -1.30
N GLY A 29 -1.66 0.62 -0.76
CA GLY A 29 -1.44 -0.63 -1.45
C GLY A 29 -0.26 -1.42 -0.89
N CYS A 30 -0.26 -1.61 0.42
CA CYS A 30 0.82 -2.33 1.08
C CYS A 30 0.40 -3.76 1.40
N ASN A 31 -0.90 -3.95 1.65
CA ASN A 31 -1.43 -5.27 1.97
C ASN A 31 -1.20 -6.24 0.82
N LYS A 32 -1.15 -7.53 1.14
CA LYS A 32 -0.94 -8.56 0.13
C LYS A 32 -0.99 -9.94 0.75
N VAL A 33 -2.21 -10.44 1.00
CA VAL A 33 -2.40 -11.75 1.59
C VAL A 33 -3.21 -12.65 0.66
N ASP A 34 -3.46 -13.88 1.11
CA ASP A 34 -4.22 -14.84 0.34
C ASP A 34 -5.70 -14.44 0.27
N ASP A 35 -5.96 -13.28 -0.31
CA ASP A 35 -7.33 -12.79 -0.44
C ASP A 35 -7.93 -13.20 -1.77
N ASN A 36 -9.01 -13.98 -1.71
CA ASN A 36 -9.70 -14.45 -2.90
C ASN A 36 -10.85 -15.39 -2.55
N LYS A 37 -12.06 -14.86 -2.58
CA LYS A 37 -13.24 -15.64 -2.26
C LYS A 37 -13.18 -16.15 -0.83
N GLY A 38 -13.80 -15.44 0.09
CA GLY A 38 -13.80 -15.83 1.49
C GLY A 38 -14.36 -14.77 2.40
N GLY A 1 1.32 13.66 -0.95
CA GLY A 1 0.96 13.97 0.46
C GLY A 1 0.38 15.36 0.62
N ASP A 2 0.32 15.85 1.85
CA ASP A 2 -0.21 17.17 2.14
C ASP A 2 -1.71 17.22 1.88
N ASN A 3 -2.10 17.12 0.61
CA ASN A 3 -3.50 17.15 0.24
C ASN A 3 -4.19 15.83 0.56
N LYS A 4 -3.44 14.74 0.45
CA LYS A 4 -3.96 13.41 0.73
C LYS A 4 -3.43 12.87 2.06
N PRO A 5 -4.11 13.21 3.17
CA PRO A 5 -3.70 12.76 4.51
C PRO A 5 -3.93 11.26 4.70
N PRO A 6 -2.83 10.48 4.79
CA PRO A 6 -2.92 9.03 4.98
C PRO A 6 -3.43 8.66 6.38
N LYS A 7 -3.77 7.39 6.56
CA LYS A 7 -4.28 6.92 7.82
C LYS A 7 -3.24 7.13 8.92
N LYS A 8 -3.68 7.07 10.17
CA LYS A 8 -2.78 7.25 11.31
C LYS A 8 -1.56 6.35 11.20
N GLY A 9 -0.68 6.47 12.19
CA GLY A 9 0.53 5.68 12.21
C GLY A 9 0.25 4.19 12.20
N PRO A 10 0.53 3.50 11.08
CA PRO A 10 0.29 2.05 10.97
C PRO A 10 1.24 1.23 11.85
N PRO A 11 1.02 -0.05 11.97
CA PRO A 11 1.85 -0.94 12.79
C PRO A 11 3.23 -1.17 12.17
N ASN A 12 3.98 -0.11 12.06
CA ASN A 12 5.32 -0.18 11.49
C ASN A 12 5.27 -0.67 10.04
N GLY A 13 5.62 0.22 9.12
CA GLY A 13 5.61 -0.15 7.70
C GLY A 13 5.33 1.05 6.81
N CYS A 14 5.46 0.84 5.50
CA CYS A 14 5.22 1.90 4.53
C CYS A 14 3.80 2.46 4.67
N PHE A 15 3.36 3.19 3.65
CA PHE A 15 2.02 3.79 3.66
C PHE A 15 0.96 2.74 3.97
N GLY A 16 -0.25 3.20 4.31
CA GLY A 16 -1.30 2.31 4.62
C GLY A 16 -1.58 1.30 3.51
N HIS A 17 -2.58 0.47 3.72
CA HIS A 17 -2.94 -0.54 2.73
C HIS A 17 -3.46 0.10 1.45
N LYS A 18 -3.74 -0.71 0.47
CA LYS A 18 -4.21 -0.24 -0.79
C LYS A 18 -5.74 -0.20 -0.80
N ILE A 19 -6.31 0.38 0.21
CA ILE A 19 -7.76 0.48 0.31
C ILE A 19 -8.29 1.63 -0.54
N ASP A 20 -7.50 2.68 -0.67
CA ASP A 20 -7.87 3.85 -1.46
C ASP A 20 -7.61 3.61 -2.94
N ARG A 21 -8.55 4.04 -3.78
CA ARG A 21 -8.43 3.89 -5.20
C ARG A 21 -7.68 5.07 -5.82
N ILE A 22 -6.88 4.80 -6.83
CA ILE A 22 -6.13 5.81 -7.50
C ILE A 22 -5.29 6.60 -6.51
N GLY A 23 -4.45 7.50 -7.03
CA GLY A 23 -3.60 8.30 -6.16
C GLY A 23 -2.32 8.73 -6.85
N SER A 24 -2.34 9.89 -7.49
CA SER A 24 -1.18 10.41 -8.19
C SER A 24 -0.01 10.61 -7.23
N HIS A 25 -0.16 11.56 -6.32
CA HIS A 25 0.88 11.86 -5.34
C HIS A 25 1.09 10.67 -4.40
N SER A 26 0.10 10.37 -3.60
CA SER A 26 0.18 9.26 -2.65
C SER A 26 0.03 7.95 -3.35
N GLY A 27 0.25 6.86 -2.62
CA GLY A 27 0.14 5.53 -3.20
C GLY A 27 0.19 4.44 -2.15
N LEU A 28 -0.86 4.33 -1.35
CA LEU A 28 -0.94 3.32 -0.31
C LEU A 28 -0.87 1.92 -0.90
N GLY A 29 -0.72 0.95 -0.07
CA GLY A 29 -0.62 -0.41 -0.53
C GLY A 29 0.59 -1.13 0.00
N CYS A 30 0.70 -1.22 1.33
CA CYS A 30 1.83 -1.89 1.96
C CYS A 30 1.67 -3.42 1.89
N ASN A 31 0.43 -3.87 1.91
CA ASN A 31 0.14 -5.30 1.85
C ASN A 31 -0.18 -5.73 0.43
N LYS A 32 0.11 -6.99 0.11
CA LYS A 32 -0.15 -7.52 -1.23
C LYS A 32 -1.50 -8.21 -1.28
N VAL A 33 -2.03 -8.41 -2.48
CA VAL A 33 -3.31 -9.07 -2.67
C VAL A 33 -3.13 -10.46 -3.26
N ASP A 34 -4.25 -11.14 -3.52
CA ASP A 34 -4.21 -12.47 -4.09
C ASP A 34 -4.16 -12.41 -5.61
N ASP A 35 -3.18 -11.68 -6.13
CA ASP A 35 -3.02 -11.53 -7.57
C ASP A 35 -1.56 -11.29 -7.93
N ASN A 36 -1.30 -11.06 -9.22
CA ASN A 36 0.05 -10.80 -9.70
C ASN A 36 0.74 -9.71 -8.88
N LYS A 37 2.05 -9.84 -8.70
CA LYS A 37 2.81 -8.86 -7.94
C LYS A 37 4.25 -8.80 -8.44
N GLY A 38 5.08 -8.02 -7.74
CA GLY A 38 6.47 -7.89 -8.13
C GLY A 38 7.38 -7.91 -6.93
N GLY A 1 6.11 -9.40 -16.95
CA GLY A 1 6.21 -7.96 -17.30
C GLY A 1 6.93 -7.18 -16.24
N ASP A 2 6.72 -5.87 -16.24
CA ASP A 2 7.37 -4.99 -15.27
C ASP A 2 6.97 -5.36 -13.84
N ASN A 3 7.90 -5.93 -13.12
CA ASN A 3 7.66 -6.34 -11.74
C ASN A 3 8.57 -5.59 -10.79
N LYS A 4 8.30 -4.30 -10.61
CA LYS A 4 9.09 -3.47 -9.73
C LYS A 4 9.08 -4.02 -8.30
N PRO A 5 10.20 -4.57 -7.82
CA PRO A 5 10.30 -5.13 -6.46
C PRO A 5 10.25 -4.05 -5.39
N PRO A 6 9.14 -3.98 -4.61
CA PRO A 6 8.99 -2.98 -3.55
C PRO A 6 9.94 -3.24 -2.38
N LYS A 7 10.04 -2.26 -1.48
CA LYS A 7 10.90 -2.38 -0.31
C LYS A 7 10.18 -3.05 0.84
N LYS A 8 10.82 -4.06 1.43
CA LYS A 8 10.23 -4.80 2.54
C LYS A 8 10.82 -4.33 3.87
N GLY A 9 10.23 -4.81 4.97
CA GLY A 9 10.71 -4.43 6.29
C GLY A 9 10.48 -2.95 6.58
N PRO A 10 9.22 -2.50 6.62
CA PRO A 10 8.88 -1.10 6.89
C PRO A 10 9.17 -0.72 8.34
N PRO A 11 9.42 0.58 8.58
CA PRO A 11 9.71 1.07 9.92
C PRO A 11 8.49 1.03 10.82
N ASN A 12 8.00 -0.18 11.08
CA ASN A 12 6.83 -0.36 11.93
C ASN A 12 5.61 0.36 11.36
N GLY A 13 5.56 0.45 10.03
CA GLY A 13 4.45 1.12 9.38
C GLY A 13 4.89 1.95 8.19
N CYS A 14 4.25 1.73 7.04
CA CYS A 14 4.58 2.46 5.83
C CYS A 14 3.35 3.19 5.29
N PHE A 15 2.65 2.57 4.35
CA PHE A 15 1.46 3.18 3.75
C PHE A 15 0.26 2.24 3.89
N GLY A 16 -0.95 2.82 3.93
CA GLY A 16 -2.12 2.06 4.06
C GLY A 16 -2.29 1.04 2.94
N HIS A 17 -3.36 0.27 2.99
CA HIS A 17 -3.63 -0.74 1.98
C HIS A 17 -3.75 -0.12 0.61
N LYS A 18 -3.90 -0.96 -0.37
CA LYS A 18 -4.02 -0.49 -1.74
C LYS A 18 -5.50 -0.34 -2.13
N ILE A 19 -6.30 0.14 -1.23
CA ILE A 19 -7.72 0.35 -1.48
C ILE A 19 -8.05 1.82 -1.67
N ASP A 20 -7.17 2.69 -1.19
CA ASP A 20 -7.37 4.14 -1.29
C ASP A 20 -7.68 4.54 -2.73
N ARG A 21 -8.93 4.94 -2.96
CA ARG A 21 -9.36 5.35 -4.30
C ARG A 21 -8.67 6.66 -4.69
N ILE A 22 -8.52 6.86 -6.00
CA ILE A 22 -7.89 8.05 -6.51
C ILE A 22 -6.51 8.24 -5.87
N GLY A 23 -5.78 9.25 -6.33
CA GLY A 23 -4.46 9.50 -5.79
C GLY A 23 -3.43 9.73 -6.87
N SER A 24 -3.19 11.01 -7.20
CA SER A 24 -2.22 11.36 -8.23
C SER A 24 -0.93 10.58 -8.05
N HIS A 25 -0.28 10.75 -6.90
CA HIS A 25 0.97 10.07 -6.62
C HIS A 25 0.74 8.85 -5.74
N SER A 26 0.46 9.09 -4.47
CA SER A 26 0.21 8.01 -3.51
C SER A 26 1.37 7.03 -3.49
N GLY A 27 1.33 6.09 -2.53
CA GLY A 27 2.39 5.10 -2.44
C GLY A 27 1.96 3.89 -1.64
N LEU A 28 0.67 3.58 -1.66
CA LEU A 28 0.12 2.45 -0.94
C LEU A 28 0.51 1.15 -1.63
N GLY A 29 0.20 0.03 -0.97
CA GLY A 29 0.56 -1.25 -1.52
C GLY A 29 1.65 -1.94 -0.73
N CYS A 30 1.73 -1.63 0.56
CA CYS A 30 2.74 -2.23 1.43
C CYS A 30 2.38 -3.65 1.80
N ASN A 31 1.08 -3.92 1.88
CA ASN A 31 0.59 -5.25 2.22
C ASN A 31 0.58 -6.16 1.00
N LYS A 32 0.14 -7.40 1.18
CA LYS A 32 0.08 -8.36 0.09
C LYS A 32 -0.84 -7.87 -1.02
N VAL A 33 -0.27 -7.67 -2.20
CA VAL A 33 -1.03 -7.21 -3.35
C VAL A 33 -1.00 -8.22 -4.49
N ASP A 34 -2.17 -8.47 -5.07
CA ASP A 34 -2.27 -9.42 -6.17
C ASP A 34 -1.70 -8.85 -7.44
N ASP A 35 -0.40 -8.55 -7.44
CA ASP A 35 0.28 -8.00 -8.59
C ASP A 35 1.79 -8.04 -8.44
N ASN A 36 2.50 -7.66 -9.50
CA ASN A 36 3.96 -7.67 -9.48
C ASN A 36 4.50 -9.09 -9.36
N LYS A 37 4.37 -9.66 -8.16
CA LYS A 37 4.86 -11.01 -7.90
C LYS A 37 3.86 -12.05 -8.40
N GLY A 38 4.31 -12.91 -9.31
CA GLY A 38 3.44 -13.94 -9.84
C GLY A 38 3.14 -15.03 -8.84
N GLY A 1 7.75 19.85 -1.85
CA GLY A 1 7.89 19.47 -0.43
C GLY A 1 6.67 18.72 0.09
N ASP A 2 5.98 18.03 -0.81
CA ASP A 2 4.79 17.27 -0.45
C ASP A 2 3.72 18.18 0.13
N ASN A 3 2.88 18.74 -0.74
CA ASN A 3 1.81 19.63 -0.32
C ASN A 3 0.71 18.85 0.40
N LYS A 4 0.50 17.61 -0.02
CA LYS A 4 -0.52 16.76 0.58
C LYS A 4 0.10 15.70 1.47
N PRO A 5 0.35 16.03 2.76
CA PRO A 5 0.96 15.09 3.71
C PRO A 5 0.00 13.96 4.10
N PRO A 6 0.28 12.73 3.65
CA PRO A 6 -0.56 11.56 3.96
C PRO A 6 -0.49 11.17 5.44
N LYS A 7 -1.40 10.29 5.85
CA LYS A 7 -1.46 9.85 7.21
C LYS A 7 -0.15 9.15 7.58
N LYS A 8 0.79 9.93 8.12
CA LYS A 8 2.09 9.38 8.52
C LYS A 8 1.97 8.60 9.82
N GLY A 9 3.05 7.93 10.21
CA GLY A 9 3.04 7.15 11.43
C GLY A 9 2.25 5.86 11.30
N PRO A 10 2.55 5.05 10.28
CA PRO A 10 1.85 3.77 10.06
C PRO A 10 2.20 2.73 11.11
N PRO A 11 1.34 1.73 11.28
CA PRO A 11 1.57 0.68 12.27
C PRO A 11 2.72 -0.25 11.87
N ASN A 12 3.90 0.29 11.80
CA ASN A 12 5.08 -0.48 11.45
C ASN A 12 4.94 -1.08 10.06
N GLY A 13 5.27 -0.29 9.03
CA GLY A 13 5.16 -0.76 7.67
C GLY A 13 5.20 0.37 6.65
N CYS A 14 4.80 0.07 5.43
CA CYS A 14 4.78 1.07 4.36
C CYS A 14 3.59 2.01 4.52
N PHE A 15 3.36 2.84 3.51
CA PHE A 15 2.25 3.79 3.53
C PHE A 15 0.93 3.07 3.82
N GLY A 16 -0.16 3.83 3.84
CA GLY A 16 -1.47 3.26 4.11
C GLY A 16 -1.73 2.06 3.26
N HIS A 17 -2.73 1.28 3.67
CA HIS A 17 -3.12 0.07 2.95
C HIS A 17 -3.57 0.40 1.53
N LYS A 18 -3.88 -0.62 0.79
CA LYS A 18 -4.31 -0.47 -0.56
C LYS A 18 -5.84 -0.36 -0.63
N ILE A 19 -6.38 0.48 0.19
CA ILE A 19 -7.83 0.70 0.22
C ILE A 19 -8.24 1.84 -0.69
N ASP A 20 -7.42 2.88 -0.74
CA ASP A 20 -7.70 4.04 -1.57
C ASP A 20 -7.42 3.74 -3.03
N ARG A 21 -8.23 4.31 -3.93
CA ARG A 21 -8.07 4.11 -5.33
C ARG A 21 -7.22 5.21 -5.95
N ILE A 22 -6.71 4.95 -7.16
CA ILE A 22 -5.89 5.90 -7.85
C ILE A 22 -4.70 6.31 -6.99
N GLY A 23 -3.79 7.08 -7.57
CA GLY A 23 -2.63 7.55 -6.83
C GLY A 23 -2.22 8.95 -7.22
N SER A 24 -3.07 9.92 -6.92
CA SER A 24 -2.77 11.31 -7.25
C SER A 24 -1.51 11.78 -6.56
N HIS A 25 -1.57 11.86 -5.24
CA HIS A 25 -0.42 12.30 -4.45
C HIS A 25 0.24 11.12 -3.75
N SER A 26 -0.54 10.39 -2.96
CA SER A 26 -0.03 9.23 -2.24
C SER A 26 0.13 8.05 -3.16
N GLY A 27 0.74 6.99 -2.63
CA GLY A 27 0.96 5.80 -3.44
C GLY A 27 0.91 4.53 -2.61
N LEU A 28 -0.23 4.30 -1.96
CA LEU A 28 -0.40 3.11 -1.13
C LEU A 28 -0.15 1.84 -1.93
N GLY A 29 -0.09 0.72 -1.25
CA GLY A 29 0.17 -0.52 -1.92
C GLY A 29 1.44 -1.20 -1.45
N CYS A 30 1.39 -1.90 -0.33
CA CYS A 30 2.54 -2.59 0.22
C CYS A 30 2.13 -3.85 0.95
N ASN A 31 1.26 -3.70 1.94
CA ASN A 31 0.78 -4.83 2.72
C ASN A 31 0.09 -5.86 1.83
N LYS A 32 -0.25 -7.01 2.41
CA LYS A 32 -0.91 -8.08 1.67
C LYS A 32 -0.08 -8.49 0.46
N VAL A 33 0.95 -9.30 0.69
CA VAL A 33 1.82 -9.77 -0.37
C VAL A 33 1.80 -11.29 -0.45
N ASP A 34 2.58 -11.83 -1.39
CA ASP A 34 2.66 -13.27 -1.57
C ASP A 34 3.40 -13.93 -0.41
N ASP A 35 2.84 -13.80 0.79
CA ASP A 35 3.44 -14.39 1.98
C ASP A 35 2.88 -15.78 2.25
N ASN A 36 1.63 -15.82 2.69
CA ASN A 36 0.97 -17.09 3.00
C ASN A 36 1.72 -17.85 4.08
N LYS A 37 1.02 -18.77 4.74
CA LYS A 37 1.63 -19.57 5.81
C LYS A 37 2.77 -20.40 5.27
N GLY A 38 3.81 -20.57 6.08
CA GLY A 38 4.96 -21.36 5.67
C GLY A 38 6.15 -20.49 5.30
N GLY A 1 7.22 -1.10 -6.29
CA GLY A 1 7.26 -2.58 -6.11
C GLY A 1 8.14 -3.26 -7.14
N ASP A 2 8.23 -4.59 -7.04
CA ASP A 2 9.05 -5.37 -7.96
C ASP A 2 10.52 -5.01 -7.82
N ASN A 3 10.92 -3.90 -8.42
CA ASN A 3 12.31 -3.44 -8.36
C ASN A 3 12.72 -3.17 -6.92
N LYS A 4 11.78 -2.72 -6.11
CA LYS A 4 12.05 -2.42 -4.70
C LYS A 4 11.45 -3.49 -3.79
N PRO A 5 12.18 -4.58 -3.54
CA PRO A 5 11.72 -5.67 -2.68
C PRO A 5 11.65 -5.27 -1.20
N PRO A 6 10.44 -5.14 -0.65
CA PRO A 6 10.25 -4.75 0.75
C PRO A 6 10.70 -5.85 1.72
N LYS A 7 10.80 -5.51 2.99
CA LYS A 7 11.20 -6.46 4.02
C LYS A 7 10.23 -7.62 4.10
N LYS A 8 10.67 -8.70 4.72
CA LYS A 8 9.83 -9.86 4.87
C LYS A 8 8.78 -9.66 5.95
N GLY A 9 7.84 -10.59 6.04
CA GLY A 9 6.79 -10.48 7.04
C GLY A 9 5.96 -9.23 6.89
N PRO A 10 4.84 -9.12 7.61
CA PRO A 10 3.96 -7.94 7.54
C PRO A 10 4.60 -6.70 8.18
N PRO A 11 4.98 -5.70 7.36
CA PRO A 11 5.59 -4.47 7.86
C PRO A 11 4.62 -3.62 8.62
N ASN A 12 5.14 -2.84 9.56
CA ASN A 12 4.31 -1.96 10.38
C ASN A 12 4.38 -0.54 9.91
N GLY A 13 5.45 -0.22 9.18
CA GLY A 13 5.64 1.13 8.68
C GLY A 13 5.00 1.34 7.33
N CYS A 14 5.78 1.90 6.40
CA CYS A 14 5.30 2.15 5.05
C CYS A 14 3.98 2.91 5.06
N PHE A 15 3.46 3.20 3.87
CA PHE A 15 2.20 3.93 3.73
C PHE A 15 1.05 3.10 4.31
N GLY A 16 -0.16 3.66 4.25
CA GLY A 16 -1.33 2.96 4.77
C GLY A 16 -1.53 1.64 4.11
N HIS A 17 -2.73 1.10 4.28
CA HIS A 17 -3.07 -0.19 3.70
C HIS A 17 -2.86 -0.19 2.18
N LYS A 18 -3.15 -1.31 1.59
CA LYS A 18 -3.00 -1.46 0.15
C LYS A 18 -4.24 -1.03 -0.57
N ILE A 19 -4.76 0.14 -0.21
CA ILE A 19 -5.96 0.67 -0.84
C ILE A 19 -5.60 1.62 -1.98
N ASP A 20 -4.83 2.65 -1.66
CA ASP A 20 -4.41 3.61 -2.66
C ASP A 20 -5.57 4.08 -3.53
N ARG A 21 -6.21 5.13 -3.16
CA ARG A 21 -7.35 5.67 -3.91
C ARG A 21 -6.90 6.45 -5.11
N ILE A 22 -7.08 5.86 -6.29
CA ILE A 22 -6.67 6.49 -7.54
C ILE A 22 -5.19 6.88 -7.50
N GLY A 23 -4.67 7.35 -8.61
CA GLY A 23 -3.27 7.75 -8.69
C GLY A 23 -3.10 9.25 -8.57
N SER A 24 -3.83 9.86 -7.66
CA SER A 24 -3.75 11.30 -7.44
C SER A 24 -2.38 11.70 -6.89
N HIS A 25 -2.20 11.51 -5.59
CA HIS A 25 -0.94 11.84 -4.95
C HIS A 25 -0.39 10.65 -4.17
N SER A 26 -1.16 10.15 -3.23
CA SER A 26 -0.74 9.03 -2.41
C SER A 26 -0.43 7.83 -3.25
N GLY A 27 0.10 6.79 -2.63
CA GLY A 27 0.45 5.58 -3.36
C GLY A 27 0.69 4.40 -2.43
N LEU A 28 -0.37 3.93 -1.80
CA LEU A 28 -0.28 2.81 -0.88
C LEU A 28 -0.25 1.49 -1.65
N GLY A 29 0.03 0.42 -0.94
CA GLY A 29 0.11 -0.87 -1.57
C GLY A 29 1.02 -1.82 -0.81
N CYS A 30 0.90 -1.83 0.51
CA CYS A 30 1.71 -2.70 1.35
C CYS A 30 1.00 -4.02 1.60
N ASN A 31 -0.19 -3.95 2.19
CA ASN A 31 -0.97 -5.14 2.48
C ASN A 31 -1.26 -5.94 1.22
N LYS A 32 -1.50 -7.24 1.38
CA LYS A 32 -1.79 -8.11 0.24
C LYS A 32 -2.10 -9.52 0.71
N VAL A 33 -3.36 -9.93 0.57
CA VAL A 33 -3.78 -11.26 0.98
C VAL A 33 -3.91 -12.18 -0.22
N ASP A 34 -4.43 -13.39 0.00
CA ASP A 34 -4.59 -14.36 -1.05
C ASP A 34 -5.70 -13.93 -2.02
N ASP A 35 -5.49 -12.80 -2.69
CA ASP A 35 -6.46 -12.29 -3.64
C ASP A 35 -6.17 -12.81 -5.04
N ASN A 36 -7.07 -13.64 -5.54
CA ASN A 36 -6.92 -14.23 -6.87
C ASN A 36 -6.61 -13.16 -7.90
N LYS A 37 -6.36 -13.57 -9.14
CA LYS A 37 -6.06 -12.65 -10.22
C LYS A 37 -5.89 -13.40 -11.54
N GLY A 38 -5.23 -14.54 -11.50
CA GLY A 38 -5.02 -15.33 -12.69
C GLY A 38 -3.60 -15.22 -13.22
N GLY A 1 -11.54 -10.59 -2.85
CA GLY A 1 -10.06 -10.55 -2.75
C GLY A 1 -9.42 -9.71 -3.83
N ASP A 2 -8.36 -10.23 -4.43
CA ASP A 2 -7.65 -9.52 -5.49
C ASP A 2 -6.90 -10.49 -6.40
N ASN A 3 -6.15 -9.93 -7.34
CA ASN A 3 -5.38 -10.75 -8.28
C ASN A 3 -3.88 -10.63 -7.99
N LYS A 4 -3.46 -9.47 -7.51
CA LYS A 4 -2.07 -9.22 -7.21
C LYS A 4 -1.84 -9.24 -5.71
N PRO A 5 -1.58 -10.43 -5.14
CA PRO A 5 -1.34 -10.59 -3.70
C PRO A 5 -0.01 -9.97 -3.27
N PRO A 6 -0.05 -8.85 -2.52
CA PRO A 6 1.17 -8.18 -2.04
C PRO A 6 1.91 -8.99 -0.99
N LYS A 7 3.13 -8.57 -0.68
CA LYS A 7 3.95 -9.25 0.31
C LYS A 7 3.27 -9.27 1.67
N LYS A 8 3.74 -10.13 2.56
CA LYS A 8 3.16 -10.24 3.90
C LYS A 8 3.27 -8.92 4.64
N GLY A 9 2.67 -8.86 5.82
CA GLY A 9 2.70 -7.65 6.62
C GLY A 9 4.11 -7.17 6.88
N PRO A 10 4.53 -6.04 6.26
CA PRO A 10 5.86 -5.50 6.44
C PRO A 10 6.02 -4.85 7.81
N PRO A 11 6.82 -5.45 8.70
CA PRO A 11 7.07 -4.90 10.02
C PRO A 11 7.90 -3.63 9.98
N ASN A 12 7.36 -2.59 9.35
CA ASN A 12 8.04 -1.32 9.24
C ASN A 12 7.11 -0.23 8.73
N GLY A 13 7.64 0.97 8.55
CA GLY A 13 6.84 2.07 8.06
C GLY A 13 6.21 1.80 6.70
N CYS A 14 4.90 1.68 6.67
CA CYS A 14 4.19 1.41 5.42
C CYS A 14 2.90 2.23 5.34
N PHE A 15 2.17 2.06 4.24
CA PHE A 15 0.92 2.79 4.05
C PHE A 15 -0.27 1.83 4.08
N GLY A 16 -1.47 2.38 3.90
CA GLY A 16 -2.67 1.57 3.91
C GLY A 16 -2.63 0.46 2.91
N HIS A 17 -3.75 -0.22 2.77
CA HIS A 17 -3.87 -1.34 1.83
C HIS A 17 -3.54 -0.91 0.42
N LYS A 18 -3.67 -1.85 -0.49
CA LYS A 18 -3.36 -1.61 -1.87
C LYS A 18 -4.57 -1.00 -2.58
N ILE A 19 -5.18 0.00 -1.96
CA ILE A 19 -6.33 0.65 -2.54
C ILE A 19 -5.92 1.95 -3.24
N ASP A 20 -5.44 2.91 -2.47
CA ASP A 20 -5.00 4.17 -3.01
C ASP A 20 -5.98 4.72 -4.06
N ARG A 21 -6.92 5.52 -3.62
CA ARG A 21 -7.89 6.12 -4.52
C ARG A 21 -7.21 6.97 -5.58
N ILE A 22 -7.33 6.55 -6.82
CA ILE A 22 -6.72 7.29 -7.91
C ILE A 22 -5.22 7.49 -7.67
N GLY A 23 -4.53 8.03 -8.67
CA GLY A 23 -3.10 8.25 -8.54
C GLY A 23 -2.77 9.69 -8.20
N SER A 24 -3.53 10.26 -7.27
CA SER A 24 -3.32 11.66 -6.86
C SER A 24 -1.88 11.87 -6.36
N HIS A 25 -1.63 11.45 -5.13
CA HIS A 25 -0.29 11.61 -4.53
C HIS A 25 0.10 10.36 -3.76
N SER A 26 -0.63 10.07 -2.70
CA SER A 26 -0.35 8.91 -1.87
C SER A 26 -0.18 7.66 -2.68
N GLY A 27 0.23 6.57 -2.03
CA GLY A 27 0.44 5.32 -2.73
C GLY A 27 0.37 4.12 -1.79
N LEU A 28 -0.81 3.91 -1.22
CA LEU A 28 -1.02 2.80 -0.30
C LEU A 28 -0.74 1.47 -1.00
N GLY A 29 -0.67 0.41 -0.21
CA GLY A 29 -0.39 -0.88 -0.75
C GLY A 29 0.81 -1.54 -0.12
N CYS A 30 0.70 -1.87 1.17
CA CYS A 30 1.78 -2.52 1.90
C CYS A 30 1.28 -3.75 2.62
N ASN A 31 0.43 -3.54 3.62
CA ASN A 31 -0.12 -4.64 4.40
C ASN A 31 -1.00 -5.55 3.53
N LYS A 32 -0.81 -6.86 3.69
CA LYS A 32 -1.58 -7.84 2.92
C LYS A 32 -3.08 -7.67 3.15
N VAL A 33 -3.87 -8.22 2.25
CA VAL A 33 -5.31 -8.14 2.34
C VAL A 33 -5.93 -9.53 2.43
N ASP A 34 -7.25 -9.57 2.51
CA ASP A 34 -7.98 -10.82 2.61
C ASP A 34 -7.93 -11.60 1.31
N ASP A 35 -6.72 -11.96 0.91
CA ASP A 35 -6.52 -12.71 -0.33
C ASP A 35 -5.37 -13.70 -0.18
N ASN A 36 -4.25 -13.22 0.36
CA ASN A 36 -3.07 -14.06 0.55
C ASN A 36 -3.43 -15.37 1.25
N LYS A 37 -2.57 -16.37 1.07
CA LYS A 37 -2.79 -17.68 1.69
C LYS A 37 -4.06 -18.33 1.14
N GLY A 38 -5.21 -17.91 1.65
CA GLY A 38 -6.47 -18.46 1.19
C GLY A 38 -7.56 -17.41 1.06
N GLY A 1 17.69 5.62 -2.29
CA GLY A 1 17.65 4.87 -1.00
C GLY A 1 17.54 5.78 0.19
N ASP A 2 17.16 5.22 1.34
CA ASP A 2 17.01 5.99 2.57
C ASP A 2 15.83 6.96 2.46
N ASN A 3 16.00 7.99 1.63
CA ASN A 3 14.94 8.98 1.46
C ASN A 3 13.68 8.35 0.89
N LYS A 4 13.86 7.30 0.09
CA LYS A 4 12.72 6.59 -0.52
C LYS A 4 12.49 5.24 0.17
N PRO A 5 11.72 5.22 1.26
CA PRO A 5 11.43 3.99 2.00
C PRO A 5 10.51 3.05 1.22
N PRO A 6 11.04 1.91 0.75
CA PRO A 6 10.25 0.93 -0.02
C PRO A 6 9.23 0.21 0.85
N LYS A 7 8.32 -0.51 0.20
CA LYS A 7 7.27 -1.24 0.92
C LYS A 7 7.85 -2.44 1.64
N LYS A 8 7.54 -2.55 2.93
CA LYS A 8 8.03 -3.67 3.74
C LYS A 8 7.28 -4.96 3.41
N GLY A 9 7.76 -6.06 3.97
CA GLY A 9 7.13 -7.31 3.73
C GLY A 9 5.68 -7.34 4.17
N PRO A 10 5.41 -7.57 5.47
CA PRO A 10 4.05 -7.62 6.00
C PRO A 10 3.40 -6.23 6.03
N PRO A 11 2.08 -6.18 6.27
CA PRO A 11 1.35 -4.91 6.33
C PRO A 11 1.71 -4.10 7.53
N ASN A 12 2.86 -3.44 7.48
CA ASN A 12 3.31 -2.61 8.60
C ASN A 12 4.60 -1.93 8.25
N GLY A 13 4.54 -0.62 8.14
CA GLY A 13 5.73 0.15 7.81
C GLY A 13 5.45 1.26 6.82
N CYS A 14 5.54 0.94 5.53
CA CYS A 14 5.28 1.93 4.50
C CYS A 14 3.89 2.52 4.60
N PHE A 15 3.43 3.19 3.54
CA PHE A 15 2.13 3.82 3.53
C PHE A 15 1.04 2.84 4.00
N GLY A 16 -0.14 3.39 4.30
CA GLY A 16 -1.24 2.55 4.77
C GLY A 16 -1.55 1.44 3.81
N HIS A 17 -2.64 0.73 4.12
CA HIS A 17 -3.08 -0.39 3.30
C HIS A 17 -3.29 0.03 1.85
N LYS A 18 -3.71 -0.91 1.06
CA LYS A 18 -3.93 -0.68 -0.34
C LYS A 18 -5.39 -0.29 -0.59
N ILE A 19 -5.93 0.52 0.27
CA ILE A 19 -7.31 0.97 0.13
C ILE A 19 -7.37 2.27 -0.66
N ASP A 20 -6.60 3.26 -0.22
CA ASP A 20 -6.57 4.56 -0.88
C ASP A 20 -6.08 4.41 -2.32
N ARG A 21 -7.02 4.30 -3.26
CA ARG A 21 -6.70 4.17 -4.64
C ARG A 21 -5.78 5.24 -5.10
N ILE A 22 -5.00 4.95 -6.14
CA ILE A 22 -4.05 5.91 -6.68
C ILE A 22 -4.67 6.71 -7.81
N GLY A 23 -3.94 7.71 -8.29
CA GLY A 23 -4.44 8.54 -9.38
C GLY A 23 -4.00 9.99 -9.26
N SER A 24 -3.71 10.42 -8.03
CA SER A 24 -3.28 11.79 -7.78
C SER A 24 -1.79 11.84 -7.46
N HIS A 25 -1.44 11.52 -6.21
CA HIS A 25 -0.06 11.53 -5.78
C HIS A 25 0.25 10.34 -4.89
N SER A 26 -0.36 10.30 -3.73
CA SER A 26 -0.16 9.22 -2.77
C SER A 26 -0.36 7.87 -3.40
N GLY A 27 -0.04 6.81 -2.65
CA GLY A 27 -0.18 5.47 -3.17
C GLY A 27 0.00 4.41 -2.10
N LEU A 28 -0.97 4.33 -1.20
CA LEU A 28 -0.93 3.37 -0.10
C LEU A 28 -0.94 1.93 -0.64
N GLY A 29 -0.68 1.00 0.22
CA GLY A 29 -0.64 -0.38 -0.19
C GLY A 29 0.55 -1.13 0.37
N CYS A 30 0.59 -1.25 1.70
CA CYS A 30 1.69 -1.95 2.37
C CYS A 30 1.42 -3.45 2.42
N ASN A 31 0.15 -3.83 2.46
CA ASN A 31 -0.24 -5.23 2.52
C ASN A 31 0.47 -6.05 1.44
N LYS A 32 0.26 -7.36 1.46
CA LYS A 32 0.87 -8.25 0.49
C LYS A 32 0.44 -7.89 -0.93
N VAL A 33 1.20 -8.36 -1.91
CA VAL A 33 0.89 -8.10 -3.30
C VAL A 33 0.63 -9.39 -4.07
N ASP A 34 -0.42 -9.39 -4.88
CA ASP A 34 -0.79 -10.56 -5.66
C ASP A 34 -0.28 -10.42 -7.10
N ASP A 35 1.02 -10.29 -7.26
CA ASP A 35 1.63 -10.15 -8.57
C ASP A 35 2.04 -11.51 -9.13
N ASN A 36 2.45 -12.40 -8.24
CA ASN A 36 2.88 -13.75 -8.63
C ASN A 36 1.84 -14.41 -9.54
N LYS A 37 2.20 -15.57 -10.09
CA LYS A 37 1.31 -16.30 -10.97
C LYS A 37 0.01 -16.68 -10.25
N GLY A 38 -1.12 -16.44 -10.89
CA GLY A 38 -2.40 -16.76 -10.30
C GLY A 38 -3.43 -15.71 -10.55
N GLY A 1 10.49 16.00 0.59
CA GLY A 1 11.93 15.87 0.23
C GLY A 1 12.81 15.73 1.45
N ASP A 2 13.89 14.95 1.30
CA ASP A 2 14.83 14.73 2.39
C ASP A 2 14.19 13.91 3.51
N ASN A 3 13.24 14.52 4.22
CA ASN A 3 12.54 13.84 5.31
C ASN A 3 11.05 13.72 5.02
N LYS A 4 10.71 12.87 4.07
CA LYS A 4 9.31 12.66 3.69
C LYS A 4 8.48 12.19 4.89
N PRO A 5 7.60 13.05 5.40
CA PRO A 5 6.75 12.72 6.56
C PRO A 5 5.69 11.66 6.21
N PRO A 6 5.83 10.43 6.73
CA PRO A 6 4.88 9.35 6.47
C PRO A 6 3.52 9.60 7.13
N LYS A 7 2.47 9.05 6.53
CA LYS A 7 1.13 9.22 7.07
C LYS A 7 0.94 8.43 8.36
N LYS A 8 0.11 8.94 9.25
CA LYS A 8 -0.14 8.29 10.53
C LYS A 8 -1.06 7.09 10.35
N GLY A 9 -1.24 6.31 11.43
CA GLY A 9 -2.09 5.14 11.36
C GLY A 9 -1.31 3.85 11.53
N PRO A 10 -0.78 3.29 10.44
CA PRO A 10 -0.01 2.03 10.48
C PRO A 10 1.35 2.23 11.16
N PRO A 11 1.90 1.13 11.73
CA PRO A 11 3.20 1.18 12.40
C PRO A 11 4.36 1.39 11.44
N ASN A 12 4.63 2.64 11.10
CA ASN A 12 5.71 2.99 10.17
C ASN A 12 5.70 2.08 8.94
N GLY A 13 6.77 2.16 8.15
CA GLY A 13 6.86 1.33 6.96
C GLY A 13 6.05 1.89 5.81
N CYS A 14 5.60 1.02 4.92
CA CYS A 14 4.81 1.44 3.78
C CYS A 14 3.52 2.10 4.19
N PHE A 15 2.80 2.66 3.24
CA PHE A 15 1.54 3.34 3.52
C PHE A 15 0.54 2.38 4.16
N GLY A 16 -0.66 2.89 4.44
CA GLY A 16 -1.68 2.07 5.06
C GLY A 16 -2.06 0.92 4.18
N HIS A 17 -3.30 0.46 4.33
CA HIS A 17 -3.81 -0.66 3.56
C HIS A 17 -3.81 -0.32 2.06
N LYS A 18 -4.19 -1.30 1.28
CA LYS A 18 -4.24 -1.12 -0.16
C LYS A 18 -5.63 -0.80 -0.60
N ILE A 19 -6.30 0.03 0.14
CA ILE A 19 -7.66 0.44 -0.20
C ILE A 19 -7.67 1.40 -1.37
N ASP A 20 -7.11 2.58 -1.17
CA ASP A 20 -7.05 3.59 -2.23
C ASP A 20 -6.01 3.26 -3.23
N ARG A 21 -6.45 2.91 -4.44
CA ARG A 21 -5.54 2.55 -5.51
C ARG A 21 -4.87 3.76 -6.07
N ILE A 22 -3.89 4.28 -5.33
CA ILE A 22 -3.14 5.47 -5.76
C ILE A 22 -4.09 6.62 -6.06
N GLY A 23 -3.52 7.79 -6.33
CA GLY A 23 -4.33 8.96 -6.63
C GLY A 23 -3.49 10.15 -7.06
N SER A 24 -3.00 10.91 -6.10
CA SER A 24 -2.18 12.08 -6.39
C SER A 24 -0.78 11.93 -5.80
N HIS A 25 -0.62 12.20 -4.54
CA HIS A 25 0.66 12.08 -3.87
C HIS A 25 0.83 10.70 -3.25
N SER A 26 -0.16 10.26 -2.49
CA SER A 26 -0.11 8.96 -1.84
C SER A 26 0.01 7.86 -2.84
N GLY A 27 0.21 6.64 -2.36
CA GLY A 27 0.36 5.51 -3.26
C GLY A 27 0.37 4.18 -2.50
N LEU A 28 -0.79 3.80 -1.96
CA LEU A 28 -0.91 2.55 -1.22
C LEU A 28 -0.55 1.37 -2.10
N GLY A 29 -0.59 0.20 -1.54
CA GLY A 29 -0.26 -0.99 -2.30
C GLY A 29 0.70 -1.90 -1.55
N CYS A 30 0.46 -2.08 -0.26
CA CYS A 30 1.32 -2.93 0.56
C CYS A 30 0.59 -4.21 0.96
N ASN A 31 -0.54 -4.06 1.64
CA ASN A 31 -1.33 -5.20 2.08
C ASN A 31 -1.98 -5.90 0.89
N LYS A 32 -2.19 -7.20 1.01
CA LYS A 32 -2.80 -8.00 -0.05
C LYS A 32 -3.09 -9.42 0.42
N VAL A 33 -4.27 -9.62 0.97
CA VAL A 33 -4.67 -10.94 1.46
C VAL A 33 -5.92 -11.43 0.76
N ASP A 34 -6.38 -12.61 1.14
CA ASP A 34 -7.57 -13.20 0.54
C ASP A 34 -8.83 -12.45 0.99
N ASP A 35 -8.90 -11.15 0.64
CA ASP A 35 -10.04 -10.34 1.00
C ASP A 35 -11.08 -10.35 -0.11
N ASN A 36 -10.65 -9.98 -1.32
CA ASN A 36 -11.53 -9.96 -2.46
C ASN A 36 -12.61 -8.89 -2.28
N LYS A 37 -13.57 -9.17 -1.40
CA LYS A 37 -14.67 -8.24 -1.14
C LYS A 37 -15.24 -7.66 -2.44
N GLY A 38 -15.18 -8.44 -3.51
CA GLY A 38 -15.68 -7.98 -4.79
C GLY A 38 -14.61 -7.33 -5.64
N GLY A 1 -0.80 14.38 3.41
CA GLY A 1 -1.72 15.22 2.60
C GLY A 1 -2.80 14.41 1.92
N ASP A 2 -2.67 14.24 0.61
CA ASP A 2 -3.64 13.48 -0.16
C ASP A 2 -5.03 14.11 -0.07
N ASN A 3 -5.92 13.72 -0.98
CA ASN A 3 -7.28 14.24 -0.99
C ASN A 3 -8.21 13.38 -0.13
N LYS A 4 -8.11 12.07 -0.29
CA LYS A 4 -8.94 11.14 0.47
C LYS A 4 -8.22 10.71 1.76
N PRO A 5 -8.89 10.84 2.91
CA PRO A 5 -8.31 10.45 4.21
C PRO A 5 -8.17 8.93 4.35
N PRO A 6 -6.94 8.40 4.34
CA PRO A 6 -6.68 6.97 4.47
C PRO A 6 -7.02 6.45 5.87
N LYS A 7 -7.05 5.14 6.01
CA LYS A 7 -7.36 4.53 7.28
C LYS A 7 -6.34 4.94 8.32
N LYS A 8 -6.80 5.14 9.55
CA LYS A 8 -5.93 5.54 10.65
C LYS A 8 -5.16 4.34 11.19
N GLY A 9 -4.16 4.60 12.02
CA GLY A 9 -3.36 3.54 12.59
C GLY A 9 -2.69 2.68 11.53
N PRO A 10 -1.97 3.30 10.59
CA PRO A 10 -1.28 2.57 9.52
C PRO A 10 -0.05 1.82 10.03
N PRO A 11 0.44 0.85 9.25
CA PRO A 11 1.61 0.05 9.63
C PRO A 11 2.90 0.86 9.59
N ASN A 12 3.60 0.89 10.71
CA ASN A 12 4.86 1.63 10.81
C ASN A 12 5.88 1.12 9.81
N GLY A 13 5.85 1.68 8.60
CA GLY A 13 6.76 1.27 7.57
C GLY A 13 6.22 1.53 6.19
N CYS A 14 5.01 1.06 5.92
CA CYS A 14 4.38 1.24 4.62
C CYS A 14 3.02 1.85 4.74
N PHE A 15 2.44 2.28 3.62
CA PHE A 15 1.12 2.90 3.62
C PHE A 15 0.03 1.85 3.74
N GLY A 16 -1.23 2.29 3.74
CA GLY A 16 -2.34 1.39 3.86
C GLY A 16 -2.35 0.33 2.78
N HIS A 17 -3.48 -0.36 2.65
CA HIS A 17 -3.62 -1.41 1.66
C HIS A 17 -3.43 -0.85 0.26
N LYS A 18 -3.53 -1.74 -0.70
CA LYS A 18 -3.35 -1.37 -2.08
C LYS A 18 -4.65 -0.90 -2.70
N ILE A 19 -5.35 -0.03 -2.01
CA ILE A 19 -6.63 0.49 -2.50
C ILE A 19 -6.49 1.96 -2.89
N ASP A 20 -6.34 2.82 -1.89
CA ASP A 20 -6.20 4.25 -2.10
C ASP A 20 -7.12 4.75 -3.21
N ARG A 21 -8.29 5.24 -2.82
CA ARG A 21 -9.25 5.76 -3.80
C ARG A 21 -8.66 6.92 -4.55
N ILE A 22 -8.02 6.62 -5.67
CA ILE A 22 -7.38 7.65 -6.49
C ILE A 22 -6.37 8.44 -5.66
N GLY A 23 -5.63 9.33 -6.31
CA GLY A 23 -4.64 10.13 -5.62
C GLY A 23 -3.26 9.89 -6.10
N SER A 24 -2.80 10.74 -7.03
CA SER A 24 -1.47 10.62 -7.60
C SER A 24 -0.41 10.51 -6.51
N HIS A 25 -0.36 11.52 -5.64
CA HIS A 25 0.61 11.55 -4.55
C HIS A 25 0.65 10.22 -3.80
N SER A 26 -0.49 9.77 -3.32
CA SER A 26 -0.59 8.51 -2.59
C SER A 26 0.11 7.39 -3.34
N GLY A 27 0.51 6.36 -2.60
CA GLY A 27 1.20 5.24 -3.20
C GLY A 27 1.31 4.06 -2.26
N LEU A 28 0.18 3.43 -1.97
CA LEU A 28 0.15 2.28 -1.08
C LEU A 28 0.62 1.02 -1.80
N GLY A 29 0.46 -0.11 -1.14
CA GLY A 29 0.89 -1.35 -1.71
C GLY A 29 2.03 -2.00 -0.92
N CYS A 30 1.70 -2.57 0.23
CA CYS A 30 2.69 -3.21 1.07
C CYS A 30 2.06 -4.31 1.93
N ASN A 31 1.05 -3.94 2.70
CA ASN A 31 0.36 -4.89 3.57
C ASN A 31 -0.16 -6.08 2.77
N LYS A 32 -0.83 -7.00 3.46
CA LYS A 32 -1.37 -8.19 2.83
C LYS A 32 -2.32 -7.81 1.68
N VAL A 33 -1.82 -7.92 0.46
CA VAL A 33 -2.61 -7.59 -0.71
C VAL A 33 -2.88 -8.83 -1.56
N ASP A 34 -4.13 -9.00 -1.97
CA ASP A 34 -4.53 -10.14 -2.78
C ASP A 34 -3.96 -10.04 -4.19
N ASP A 35 -2.63 -10.06 -4.29
CA ASP A 35 -1.96 -9.97 -5.58
C ASP A 35 -2.27 -11.19 -6.43
N ASN A 36 -3.06 -11.01 -7.47
CA ASN A 36 -3.42 -12.10 -8.36
C ASN A 36 -2.19 -12.85 -8.84
N LYS A 37 -1.95 -13.99 -8.25
CA LYS A 37 -0.80 -14.82 -8.61
C LYS A 37 -1.06 -15.56 -9.92
N GLY A 38 -0.84 -14.87 -11.02
CA GLY A 38 -1.04 -15.47 -12.32
C GLY A 38 -1.58 -14.49 -13.33
N GLY A 1 -4.11 -6.26 -16.70
CA GLY A 1 -4.24 -6.85 -15.34
C GLY A 1 -2.99 -6.67 -14.50
N ASP A 2 -3.00 -5.67 -13.64
CA ASP A 2 -1.84 -5.40 -12.78
C ASP A 2 -1.88 -6.28 -11.52
N ASN A 3 -1.09 -7.34 -11.54
CA ASN A 3 -1.03 -8.26 -10.41
C ASN A 3 0.38 -8.29 -9.80
N LYS A 4 0.73 -7.20 -9.14
CA LYS A 4 2.03 -7.09 -8.52
C LYS A 4 1.92 -7.21 -6.99
N PRO A 5 1.88 -8.45 -6.49
CA PRO A 5 1.79 -8.71 -5.04
C PRO A 5 3.06 -8.33 -4.29
N PRO A 6 3.01 -7.26 -3.48
CA PRO A 6 4.18 -6.81 -2.71
C PRO A 6 4.54 -7.78 -1.59
N LYS A 7 5.73 -7.58 -1.01
CA LYS A 7 6.19 -8.43 0.07
C LYS A 7 5.55 -8.04 1.41
N LYS A 8 5.58 -8.94 2.36
CA LYS A 8 5.01 -8.69 3.68
C LYS A 8 6.01 -7.98 4.59
N GLY A 9 5.53 -7.50 5.74
CA GLY A 9 6.40 -6.81 6.66
C GLY A 9 6.37 -5.33 6.47
N PRO A 10 5.47 -4.61 7.17
CA PRO A 10 5.35 -3.16 7.06
C PRO A 10 6.55 -2.44 7.68
N PRO A 11 7.41 -1.82 6.85
CA PRO A 11 8.60 -1.11 7.34
C PRO A 11 8.25 0.16 8.05
N ASN A 12 8.27 0.10 9.38
CA ASN A 12 7.94 1.25 10.21
C ASN A 12 6.51 1.73 9.94
N GLY A 13 5.64 0.79 9.60
CA GLY A 13 4.26 1.12 9.32
C GLY A 13 3.92 1.05 7.84
N CYS A 14 4.55 1.92 7.06
CA CYS A 14 4.32 1.95 5.62
C CYS A 14 2.88 2.28 5.31
N PHE A 15 2.63 2.80 4.12
CA PHE A 15 1.28 3.15 3.69
C PHE A 15 0.33 1.97 3.81
N GLY A 16 -0.91 2.26 4.21
CA GLY A 16 -1.88 1.23 4.36
C GLY A 16 -2.11 0.45 3.09
N HIS A 17 -3.18 -0.35 3.07
CA HIS A 17 -3.52 -1.15 1.90
C HIS A 17 -3.77 -0.25 0.71
N LYS A 18 -3.95 -0.91 -0.42
CA LYS A 18 -4.20 -0.18 -1.66
C LYS A 18 -5.68 -0.07 -1.95
N ILE A 19 -6.47 0.13 -0.91
CA ILE A 19 -7.91 0.24 -1.07
C ILE A 19 -8.32 1.68 -1.36
N ASP A 20 -7.51 2.62 -0.88
CA ASP A 20 -7.79 4.04 -1.09
C ASP A 20 -7.94 4.36 -2.57
N ARG A 21 -8.79 5.33 -2.88
CA ARG A 21 -9.03 5.73 -4.26
C ARG A 21 -7.74 6.20 -4.92
N ILE A 22 -7.80 6.39 -6.21
CA ILE A 22 -6.66 6.80 -6.98
C ILE A 22 -5.92 7.93 -6.28
N GLY A 23 -4.69 8.18 -6.72
CA GLY A 23 -3.88 9.23 -6.13
C GLY A 23 -2.43 9.14 -6.52
N SER A 24 -2.08 9.78 -7.64
CA SER A 24 -0.71 9.77 -8.15
C SER A 24 0.30 10.01 -7.01
N HIS A 25 0.17 11.15 -6.34
CA HIS A 25 1.07 11.50 -5.24
C HIS A 25 1.17 10.35 -4.24
N SER A 26 0.03 9.97 -3.66
CA SER A 26 0.00 8.87 -2.71
C SER A 26 0.50 7.58 -3.30
N GLY A 27 0.66 6.57 -2.47
CA GLY A 27 1.14 5.28 -2.94
C GLY A 27 0.92 4.17 -1.93
N LEU A 28 -0.34 3.84 -1.70
CA LEU A 28 -0.68 2.78 -0.74
C LEU A 28 -0.59 1.41 -1.40
N GLY A 29 -0.62 0.40 -0.60
CA GLY A 29 -0.54 -0.96 -1.12
C GLY A 29 0.70 -1.68 -0.66
N CYS A 30 0.96 -1.65 0.64
CA CYS A 30 2.12 -2.32 1.22
C CYS A 30 1.89 -3.82 1.33
N ASN A 31 0.92 -4.20 2.16
CA ASN A 31 0.59 -5.60 2.36
C ASN A 31 0.20 -6.27 1.04
N LYS A 32 0.57 -7.53 0.89
CA LYS A 32 0.25 -8.28 -0.31
C LYS A 32 -1.26 -8.38 -0.52
N VAL A 33 -1.69 -8.29 -1.77
CA VAL A 33 -3.10 -8.37 -2.10
C VAL A 33 -3.38 -9.54 -3.04
N ASP A 34 -4.64 -9.70 -3.42
CA ASP A 34 -5.05 -10.78 -4.31
C ASP A 34 -4.64 -12.14 -3.75
N ASP A 35 -5.37 -12.60 -2.75
CA ASP A 35 -5.08 -13.89 -2.12
C ASP A 35 -6.34 -14.51 -1.55
N ASN A 36 -7.12 -13.71 -0.83
CA ASN A 36 -8.36 -14.17 -0.22
C ASN A 36 -9.24 -14.90 -1.24
N LYS A 37 -9.15 -14.46 -2.50
CA LYS A 37 -9.94 -15.06 -3.57
C LYS A 37 -9.23 -16.28 -4.15
N GLY A 38 -10.02 -17.28 -4.55
CA GLY A 38 -9.44 -18.49 -5.11
C GLY A 38 -8.63 -18.21 -6.37
N GLY A 1 5.11 -6.29 -4.30
CA GLY A 1 6.36 -5.74 -4.85
C GLY A 1 7.29 -5.24 -3.76
N ASP A 2 7.85 -4.07 -3.98
CA ASP A 2 8.78 -3.48 -3.00
C ASP A 2 9.98 -4.38 -2.77
N ASN A 3 11.13 -3.99 -3.35
CA ASN A 3 12.35 -4.76 -3.22
C ASN A 3 13.12 -4.34 -1.96
N LYS A 4 13.00 -3.06 -1.61
CA LYS A 4 13.69 -2.53 -0.44
C LYS A 4 12.70 -2.29 0.70
N PRO A 5 12.45 -3.32 1.53
CA PRO A 5 11.52 -3.21 2.66
C PRO A 5 12.07 -2.34 3.79
N PRO A 6 11.49 -1.14 4.00
CA PRO A 6 11.95 -0.22 5.05
C PRO A 6 11.63 -0.74 6.45
N LYS A 7 12.47 -0.38 7.41
CA LYS A 7 12.28 -0.80 8.79
C LYS A 7 11.33 0.14 9.53
N LYS A 8 10.04 -0.01 9.27
CA LYS A 8 9.03 0.83 9.89
C LYS A 8 8.34 0.07 11.01
N GLY A 9 7.52 0.78 11.76
CA GLY A 9 6.80 0.16 12.87
C GLY A 9 5.92 -0.99 12.42
N PRO A 10 4.93 -0.74 11.56
CA PRO A 10 4.03 -1.76 11.05
C PRO A 10 4.74 -2.72 10.13
N PRO A 11 4.17 -3.92 9.97
CA PRO A 11 4.74 -4.95 9.10
C PRO A 11 4.64 -4.59 7.63
N ASN A 12 5.68 -3.96 7.11
CA ASN A 12 5.71 -3.56 5.71
C ASN A 12 4.57 -2.59 5.39
N GLY A 13 4.19 -1.80 6.39
CA GLY A 13 3.13 -0.84 6.19
C GLY A 13 3.62 0.57 6.15
N CYS A 14 4.40 0.91 5.14
CA CYS A 14 4.95 2.25 5.00
C CYS A 14 3.86 3.29 4.98
N PHE A 15 2.83 3.06 4.17
CA PHE A 15 1.70 3.99 4.10
C PHE A 15 0.39 3.25 4.35
N GLY A 16 -0.72 3.97 4.30
CA GLY A 16 -2.01 3.38 4.52
C GLY A 16 -2.20 2.10 3.75
N HIS A 17 -3.23 1.37 4.08
CA HIS A 17 -3.54 0.10 3.41
C HIS A 17 -3.87 0.33 1.95
N LYS A 18 -4.10 -0.75 1.26
CA LYS A 18 -4.42 -0.68 -0.14
C LYS A 18 -5.92 -0.58 -0.36
N ILE A 19 -6.54 0.33 0.34
CA ILE A 19 -7.98 0.53 0.23
C ILE A 19 -8.30 1.55 -0.85
N ASP A 20 -7.57 2.67 -0.85
CA ASP A 20 -7.78 3.72 -1.84
C ASP A 20 -7.07 3.41 -3.12
N ARG A 21 -7.83 3.38 -4.21
CA ARG A 21 -7.26 3.08 -5.52
C ARG A 21 -7.04 4.38 -6.31
N ILE A 22 -5.99 5.06 -5.98
CA ILE A 22 -5.68 6.31 -6.66
C ILE A 22 -4.21 6.32 -7.12
N GLY A 23 -3.84 7.34 -7.87
CA GLY A 23 -2.47 7.45 -8.35
C GLY A 23 -2.10 8.87 -8.73
N SER A 24 -1.93 9.73 -7.73
CA SER A 24 -1.57 11.12 -7.97
C SER A 24 -0.40 11.53 -7.09
N HIS A 25 -0.64 11.62 -5.79
CA HIS A 25 0.40 12.00 -4.84
C HIS A 25 0.77 10.84 -3.94
N SER A 26 -0.16 10.42 -3.09
CA SER A 26 0.08 9.31 -2.17
C SER A 26 0.01 7.99 -2.88
N GLY A 27 0.35 6.91 -2.17
CA GLY A 27 0.33 5.60 -2.78
C GLY A 27 0.21 4.50 -1.74
N LEU A 28 -0.91 4.48 -1.03
CA LEU A 28 -1.15 3.47 0.00
C LEU A 28 -1.05 2.06 -0.58
N GLY A 29 -1.00 1.11 0.27
CA GLY A 29 -0.91 -0.27 -0.18
C GLY A 29 0.47 -0.87 0.04
N CYS A 30 1.02 -0.67 1.24
CA CYS A 30 2.33 -1.21 1.56
C CYS A 30 2.23 -2.56 2.25
N ASN A 31 1.21 -2.68 3.10
CA ASN A 31 0.98 -3.93 3.83
C ASN A 31 0.73 -5.09 2.86
N LYS A 32 1.49 -6.17 3.04
CA LYS A 32 1.35 -7.34 2.19
C LYS A 32 -0.06 -7.91 2.26
N VAL A 33 -0.68 -8.08 1.10
CA VAL A 33 -2.03 -8.62 1.03
C VAL A 33 -2.07 -9.93 0.25
N ASP A 34 -2.78 -10.92 0.79
CA ASP A 34 -2.89 -12.22 0.15
C ASP A 34 -4.12 -12.27 -0.76
N ASP A 35 -4.18 -11.34 -1.72
CA ASP A 35 -5.29 -11.27 -2.65
C ASP A 35 -4.96 -12.03 -3.92
N ASN A 36 -5.82 -11.91 -4.92
CA ASN A 36 -5.63 -12.59 -6.18
C ASN A 36 -4.24 -12.32 -6.75
N LYS A 37 -3.70 -11.15 -6.43
CA LYS A 37 -2.36 -10.78 -6.90
C LYS A 37 -2.31 -10.75 -8.43
N GLY A 38 -2.18 -9.56 -8.97
CA GLY A 38 -2.12 -9.41 -10.42
C GLY A 38 -3.36 -9.93 -11.10
N GLY A 1 7.95 28.22 3.42
CA GLY A 1 8.02 27.16 2.37
C GLY A 1 6.65 26.75 1.87
N ASP A 2 5.98 25.88 2.62
CA ASP A 2 4.66 25.40 2.23
C ASP A 2 4.08 24.48 3.30
N ASN A 3 2.77 24.53 3.48
CA ASN A 3 2.09 23.70 4.46
C ASN A 3 1.48 22.46 3.81
N LYS A 4 2.13 21.97 2.76
CA LYS A 4 1.65 20.80 2.04
C LYS A 4 1.58 19.58 2.98
N PRO A 5 0.35 19.14 3.31
CA PRO A 5 0.16 17.98 4.20
C PRO A 5 0.57 16.67 3.54
N PRO A 6 1.67 16.05 4.01
CA PRO A 6 2.17 14.79 3.46
C PRO A 6 1.24 13.62 3.79
N LYS A 7 1.48 12.49 3.13
CA LYS A 7 0.66 11.29 3.36
C LYS A 7 0.75 10.84 4.80
N LYS A 8 -0.22 10.02 5.21
CA LYS A 8 -0.26 9.53 6.57
C LYS A 8 0.77 8.43 6.76
N GLY A 9 0.95 8.00 8.01
CA GLY A 9 1.93 6.96 8.31
C GLY A 9 1.38 5.93 9.28
N PRO A 10 0.75 4.85 8.76
CA PRO A 10 0.19 3.79 9.61
C PRO A 10 1.29 2.96 10.30
N PRO A 11 0.93 2.27 11.39
CA PRO A 11 1.89 1.44 12.14
C PRO A 11 2.28 0.19 11.36
N ASN A 12 2.94 0.39 10.22
CA ASN A 12 3.38 -0.72 9.39
C ASN A 12 4.40 -0.26 8.35
N GLY A 13 5.19 0.75 8.73
CA GLY A 13 6.20 1.27 7.83
C GLY A 13 5.61 1.88 6.57
N CYS A 14 5.31 1.03 5.60
CA CYS A 14 4.73 1.49 4.34
C CYS A 14 3.39 2.19 4.59
N PHE A 15 2.81 2.74 3.51
CA PHE A 15 1.54 3.44 3.61
C PHE A 15 0.40 2.45 3.85
N GLY A 16 -0.82 2.96 3.93
CA GLY A 16 -1.95 2.12 4.15
C GLY A 16 -2.11 1.08 3.08
N HIS A 17 -3.17 0.29 3.18
CA HIS A 17 -3.44 -0.76 2.21
C HIS A 17 -3.65 -0.18 0.82
N LYS A 18 -3.84 -1.04 -0.12
CA LYS A 18 -4.04 -0.64 -1.49
C LYS A 18 -5.53 -0.58 -1.82
N ILE A 19 -6.32 -0.14 -0.88
CA ILE A 19 -7.75 -0.03 -1.08
C ILE A 19 -8.17 1.41 -1.33
N ASP A 20 -7.38 2.34 -0.82
CA ASP A 20 -7.67 3.77 -0.99
C ASP A 20 -7.84 4.12 -2.46
N ARG A 21 -8.75 5.06 -2.73
CA ARG A 21 -9.01 5.49 -4.10
C ARG A 21 -7.74 6.05 -4.74
N ILE A 22 -7.84 6.29 -6.02
CA ILE A 22 -6.73 6.79 -6.79
C ILE A 22 -6.04 7.95 -6.05
N GLY A 23 -4.86 8.32 -6.50
CA GLY A 23 -4.12 9.40 -5.88
C GLY A 23 -2.67 9.45 -6.32
N SER A 24 -2.41 10.17 -7.41
CA SER A 24 -1.05 10.29 -7.94
C SER A 24 -0.03 10.51 -6.83
N HIS A 25 -0.22 11.56 -6.06
CA HIS A 25 0.69 11.89 -4.96
C HIS A 25 0.91 10.68 -4.06
N SER A 26 -0.18 10.15 -3.51
CA SER A 26 -0.10 8.98 -2.66
C SER A 26 0.45 7.79 -3.37
N GLY A 27 0.70 6.71 -2.64
CA GLY A 27 1.24 5.51 -3.25
C GLY A 27 1.20 4.31 -2.32
N LEU A 28 0.00 3.84 -2.03
CA LEU A 28 -0.18 2.69 -1.15
C LEU A 28 0.18 1.41 -1.89
N GLY A 29 0.29 0.32 -1.13
CA GLY A 29 0.65 -0.94 -1.71
C GLY A 29 1.94 -1.51 -1.15
N CYS A 30 1.85 -2.18 -0.02
CA CYS A 30 3.02 -2.78 0.63
C CYS A 30 2.62 -3.90 1.56
N ASN A 31 1.60 -3.66 2.37
CA ASN A 31 1.12 -4.66 3.33
C ASN A 31 0.64 -5.91 2.60
N LYS A 32 0.16 -6.88 3.37
CA LYS A 32 -0.33 -8.13 2.80
C LYS A 32 -1.49 -7.87 1.84
N VAL A 33 -1.20 -7.84 0.55
CA VAL A 33 -2.22 -7.60 -0.46
C VAL A 33 -2.33 -8.79 -1.41
N ASP A 34 -3.56 -9.20 -1.70
CA ASP A 34 -3.79 -10.32 -2.60
C ASP A 34 -3.67 -9.89 -4.06
N ASP A 35 -2.47 -9.45 -4.43
CA ASP A 35 -2.21 -9.00 -5.80
C ASP A 35 -1.81 -10.17 -6.68
N ASN A 36 -2.69 -10.51 -7.63
CA ASN A 36 -2.42 -11.62 -8.54
C ASN A 36 -1.05 -11.50 -9.19
N LYS A 37 -0.06 -12.18 -8.61
CA LYS A 37 1.30 -12.15 -9.13
C LYS A 37 1.34 -12.67 -10.56
N GLY A 38 2.07 -11.96 -11.42
CA GLY A 38 2.19 -12.37 -12.80
C GLY A 38 1.37 -11.50 -13.73
#